data_1KWI
# 
_entry.id   1KWI 
# 
_audit_conform.dict_name       mmcif_pdbx.dic 
_audit_conform.dict_version    5.399 
_audit_conform.dict_location   http://mmcif.pdb.org/dictionaries/ascii/mmcif_pdbx.dic 
# 
loop_
_database_2.database_id 
_database_2.database_code 
_database_2.pdbx_database_accession 
_database_2.pdbx_DOI 
PDB   1KWI         pdb_00001kwi 10.2210/pdb1kwi/pdb 
RCSB  RCSB015408   ?            ?                   
WWPDB D_1000015408 ?            ?                   
# 
loop_
_pdbx_audit_revision_history.ordinal 
_pdbx_audit_revision_history.data_content_type 
_pdbx_audit_revision_history.major_revision 
_pdbx_audit_revision_history.minor_revision 
_pdbx_audit_revision_history.revision_date 
1 'Structure model' 1 0 2002-10-09 
2 'Structure model' 1 1 2008-04-27 
3 'Structure model' 1 2 2011-07-13 
4 'Structure model' 1 3 2024-11-20 
# 
_pdbx_audit_revision_details.ordinal             1 
_pdbx_audit_revision_details.revision_ordinal    1 
_pdbx_audit_revision_details.data_content_type   'Structure model' 
_pdbx_audit_revision_details.provider            repository 
_pdbx_audit_revision_details.type                'Initial release' 
_pdbx_audit_revision_details.description         ? 
_pdbx_audit_revision_details.details             ? 
# 
loop_
_pdbx_audit_revision_group.ordinal 
_pdbx_audit_revision_group.revision_ordinal 
_pdbx_audit_revision_group.data_content_type 
_pdbx_audit_revision_group.group 
1 2 'Structure model' 'Version format compliance' 
2 3 'Structure model' 'Version format compliance' 
3 4 'Structure model' 'Data collection'           
4 4 'Structure model' 'Database references'       
5 4 'Structure model' 'Structure summary'         
# 
loop_
_pdbx_audit_revision_category.ordinal 
_pdbx_audit_revision_category.revision_ordinal 
_pdbx_audit_revision_category.data_content_type 
_pdbx_audit_revision_category.category 
1 4 'Structure model' chem_comp_atom            
2 4 'Structure model' chem_comp_bond            
3 4 'Structure model' database_2                
4 4 'Structure model' pdbx_entry_details        
5 4 'Structure model' pdbx_modification_feature 
# 
loop_
_pdbx_audit_revision_item.ordinal 
_pdbx_audit_revision_item.revision_ordinal 
_pdbx_audit_revision_item.data_content_type 
_pdbx_audit_revision_item.item 
1 4 'Structure model' '_database_2.pdbx_DOI'                
2 4 'Structure model' '_database_2.pdbx_database_accession' 
# 
_pdbx_database_status.status_code                     REL 
_pdbx_database_status.entry_id                        1KWI 
_pdbx_database_status.recvd_initial_deposition_date   2002-01-29 
_pdbx_database_status.deposit_site                    RCSB 
_pdbx_database_status.process_site                    RCSB 
_pdbx_database_status.status_code_sf                  REL 
_pdbx_database_status.SG_entry                        . 
_pdbx_database_status.pdb_format_compatible           Y 
_pdbx_database_status.status_code_mr                  ? 
_pdbx_database_status.status_code_cs                  ? 
_pdbx_database_status.status_code_nmr_data            ? 
_pdbx_database_status.methods_development_category    ? 
# 
loop_
_audit_author.name 
_audit_author.pdbx_ordinal 
'Sanchez, J.F.' 1 
'Hoh, F.'       2 
'Strub, M.P.'   3 
'Aumelas, A.'   4 
'Dumas, C.'     5 
# 
_citation.id                        primary 
_citation.title                     
;Structure of the cathelicidin motif of protegrin-3 precursor: structural insights into the activation mechanism of an antimicrobial protein.
;
_citation.journal_abbrev            Structure 
_citation.journal_volume            10 
_citation.page_first                1363 
_citation.page_last                 1370 
_citation.year                      2002 
_citation.journal_id_ASTM           STRUE6 
_citation.country                   UK 
_citation.journal_id_ISSN           0969-2126 
_citation.journal_id_CSD            2005 
_citation.book_publisher            ? 
_citation.pdbx_database_id_PubMed   12377122 
_citation.pdbx_database_id_DOI      '10.1016/S0969-2126(02)00859-6' 
# 
loop_
_citation_author.citation_id 
_citation_author.name 
_citation_author.ordinal 
_citation_author.identifier_ORCID 
primary 'Sanchez, J.F.' 1 ? 
primary 'Hoh, F.'       2 ? 
primary 'Strub, M.P.'   3 ? 
primary 'Aumelas, A.'   4 ? 
primary 'Dumas, C.'     5 ? 
# 
loop_
_entity.id 
_entity.type 
_entity.src_method 
_entity.pdbx_description 
_entity.formula_weight 
_entity.pdbx_number_of_molecules 
_entity.pdbx_ec 
_entity.pdbx_mutation 
_entity.pdbx_fragment 
_entity.details 
1 polymer man 'Protegrin-3 Precursor' 11322.741 1  ? ? 'RESIDUES 30-130' ? 
2 water   nat water                   18.015    73 ? ? ?                 ? 
# 
_entity_poly.entity_id                      1 
_entity_poly.type                           'polypeptide(L)' 
_entity_poly.nstd_linkage                   no 
_entity_poly.nstd_monomer                   no 
_entity_poly.pdbx_seq_one_letter_code       
;QALSYREAVLRAVDRLNEQSSEANLYRLLELDQPPKADEDPGTPKPVSFTVKETVCPRPTRQPPELCDFKENGRVKQCVG
TVTLDQIKDPLDITCNEVQGV
;
_entity_poly.pdbx_seq_one_letter_code_can   
;QALSYREAVLRAVDRLNEQSSEANLYRLLELDQPPKADEDPGTPKPVSFTVKETVCPRPTRQPPELCDFKENGRVKQCVG
TVTLDQIKDPLDITCNEVQGV
;
_entity_poly.pdbx_strand_id                 A 
_entity_poly.pdbx_target_identifier         ? 
# 
_pdbx_entity_nonpoly.entity_id   2 
_pdbx_entity_nonpoly.name        water 
_pdbx_entity_nonpoly.comp_id     HOH 
# 
loop_
_entity_poly_seq.entity_id 
_entity_poly_seq.num 
_entity_poly_seq.mon_id 
_entity_poly_seq.hetero 
1 1   GLN n 
1 2   ALA n 
1 3   LEU n 
1 4   SER n 
1 5   TYR n 
1 6   ARG n 
1 7   GLU n 
1 8   ALA n 
1 9   VAL n 
1 10  LEU n 
1 11  ARG n 
1 12  ALA n 
1 13  VAL n 
1 14  ASP n 
1 15  ARG n 
1 16  LEU n 
1 17  ASN n 
1 18  GLU n 
1 19  GLN n 
1 20  SER n 
1 21  SER n 
1 22  GLU n 
1 23  ALA n 
1 24  ASN n 
1 25  LEU n 
1 26  TYR n 
1 27  ARG n 
1 28  LEU n 
1 29  LEU n 
1 30  GLU n 
1 31  LEU n 
1 32  ASP n 
1 33  GLN n 
1 34  PRO n 
1 35  PRO n 
1 36  LYS n 
1 37  ALA n 
1 38  ASP n 
1 39  GLU n 
1 40  ASP n 
1 41  PRO n 
1 42  GLY n 
1 43  THR n 
1 44  PRO n 
1 45  LYS n 
1 46  PRO n 
1 47  VAL n 
1 48  SER n 
1 49  PHE n 
1 50  THR n 
1 51  VAL n 
1 52  LYS n 
1 53  GLU n 
1 54  THR n 
1 55  VAL n 
1 56  CYS n 
1 57  PRO n 
1 58  ARG n 
1 59  PRO n 
1 60  THR n 
1 61  ARG n 
1 62  GLN n 
1 63  PRO n 
1 64  PRO n 
1 65  GLU n 
1 66  LEU n 
1 67  CYS n 
1 68  ASP n 
1 69  PHE n 
1 70  LYS n 
1 71  GLU n 
1 72  ASN n 
1 73  GLY n 
1 74  ARG n 
1 75  VAL n 
1 76  LYS n 
1 77  GLN n 
1 78  CYS n 
1 79  VAL n 
1 80  GLY n 
1 81  THR n 
1 82  VAL n 
1 83  THR n 
1 84  LEU n 
1 85  ASP n 
1 86  GLN n 
1 87  ILE n 
1 88  LYS n 
1 89  ASP n 
1 90  PRO n 
1 91  LEU n 
1 92  ASP n 
1 93  ILE n 
1 94  THR n 
1 95  CYS n 
1 96  ASN n 
1 97  GLU n 
1 98  VAL n 
1 99  GLN n 
1 100 GLY n 
1 101 VAL n 
# 
_entity_src_gen.entity_id                          1 
_entity_src_gen.pdbx_src_id                        1 
_entity_src_gen.pdbx_alt_source_flag               sample 
_entity_src_gen.pdbx_seq_type                      ? 
_entity_src_gen.pdbx_beg_seq_num                   ? 
_entity_src_gen.pdbx_end_seq_num                   ? 
_entity_src_gen.gene_src_common_name               pig 
_entity_src_gen.gene_src_genus                     Sus 
_entity_src_gen.pdbx_gene_src_gene                 pg3 
_entity_src_gen.gene_src_species                   ? 
_entity_src_gen.gene_src_strain                    ? 
_entity_src_gen.gene_src_tissue                    ? 
_entity_src_gen.gene_src_tissue_fraction           ? 
_entity_src_gen.gene_src_details                   ? 
_entity_src_gen.pdbx_gene_src_fragment             ? 
_entity_src_gen.pdbx_gene_src_scientific_name      'Sus scrofa' 
_entity_src_gen.pdbx_gene_src_ncbi_taxonomy_id     9823 
_entity_src_gen.pdbx_gene_src_variant              ? 
_entity_src_gen.pdbx_gene_src_cell_line            ? 
_entity_src_gen.pdbx_gene_src_atcc                 ? 
_entity_src_gen.pdbx_gene_src_organ                ? 
_entity_src_gen.pdbx_gene_src_organelle            ? 
_entity_src_gen.pdbx_gene_src_cell                 ? 
_entity_src_gen.pdbx_gene_src_cellular_location    ? 
_entity_src_gen.host_org_common_name               ? 
_entity_src_gen.pdbx_host_org_scientific_name      'Escherichia coli BL21(DE3)' 
_entity_src_gen.pdbx_host_org_ncbi_taxonomy_id     469008 
_entity_src_gen.host_org_genus                     Escherichia 
_entity_src_gen.pdbx_host_org_gene                 ? 
_entity_src_gen.pdbx_host_org_organ                ? 
_entity_src_gen.host_org_species                   'Escherichia coli' 
_entity_src_gen.pdbx_host_org_tissue               ? 
_entity_src_gen.pdbx_host_org_tissue_fraction      ? 
_entity_src_gen.pdbx_host_org_strain               'BL21(DE3)' 
_entity_src_gen.pdbx_host_org_variant              ? 
_entity_src_gen.pdbx_host_org_cell_line            ? 
_entity_src_gen.pdbx_host_org_atcc                 ? 
_entity_src_gen.pdbx_host_org_culture_collection   ? 
_entity_src_gen.pdbx_host_org_cell                 ? 
_entity_src_gen.pdbx_host_org_organelle            ? 
_entity_src_gen.pdbx_host_org_cellular_location    ? 
_entity_src_gen.pdbx_host_org_vector_type          plasmid 
_entity_src_gen.pdbx_host_org_vector               ? 
_entity_src_gen.host_org_details                   ? 
_entity_src_gen.expression_system_id               ? 
_entity_src_gen.plasmid_name                       pET15B 
_entity_src_gen.plasmid_details                    ? 
_entity_src_gen.pdbx_description                   ? 
# 
loop_
_chem_comp.id 
_chem_comp.type 
_chem_comp.mon_nstd_flag 
_chem_comp.name 
_chem_comp.pdbx_synonyms 
_chem_comp.formula 
_chem_comp.formula_weight 
ALA 'L-peptide linking' y ALANINE         ? 'C3 H7 N O2'     89.093  
ARG 'L-peptide linking' y ARGININE        ? 'C6 H15 N4 O2 1' 175.209 
ASN 'L-peptide linking' y ASPARAGINE      ? 'C4 H8 N2 O3'    132.118 
ASP 'L-peptide linking' y 'ASPARTIC ACID' ? 'C4 H7 N O4'     133.103 
CYS 'L-peptide linking' y CYSTEINE        ? 'C3 H7 N O2 S'   121.158 
GLN 'L-peptide linking' y GLUTAMINE       ? 'C5 H10 N2 O3'   146.144 
GLU 'L-peptide linking' y 'GLUTAMIC ACID' ? 'C5 H9 N O4'     147.129 
GLY 'peptide linking'   y GLYCINE         ? 'C2 H5 N O2'     75.067  
HOH non-polymer         . WATER           ? 'H2 O'           18.015  
ILE 'L-peptide linking' y ISOLEUCINE      ? 'C6 H13 N O2'    131.173 
LEU 'L-peptide linking' y LEUCINE         ? 'C6 H13 N O2'    131.173 
LYS 'L-peptide linking' y LYSINE          ? 'C6 H15 N2 O2 1' 147.195 
PHE 'L-peptide linking' y PHENYLALANINE   ? 'C9 H11 N O2'    165.189 
PRO 'L-peptide linking' y PROLINE         ? 'C5 H9 N O2'     115.130 
SER 'L-peptide linking' y SERINE          ? 'C3 H7 N O3'     105.093 
THR 'L-peptide linking' y THREONINE       ? 'C4 H9 N O3'     119.119 
TYR 'L-peptide linking' y TYROSINE        ? 'C9 H11 N O3'    181.189 
VAL 'L-peptide linking' y VALINE          ? 'C5 H11 N O2'    117.146 
# 
loop_
_pdbx_poly_seq_scheme.asym_id 
_pdbx_poly_seq_scheme.entity_id 
_pdbx_poly_seq_scheme.seq_id 
_pdbx_poly_seq_scheme.mon_id 
_pdbx_poly_seq_scheme.ndb_seq_num 
_pdbx_poly_seq_scheme.pdb_seq_num 
_pdbx_poly_seq_scheme.auth_seq_num 
_pdbx_poly_seq_scheme.pdb_mon_id 
_pdbx_poly_seq_scheme.auth_mon_id 
_pdbx_poly_seq_scheme.pdb_strand_id 
_pdbx_poly_seq_scheme.pdb_ins_code 
_pdbx_poly_seq_scheme.hetero 
A 1 1   GLN 1   30  ?   ?   ?   A . n 
A 1 2   ALA 2   31  31  ALA ALA A . n 
A 1 3   LEU 3   32  32  LEU LEU A . n 
A 1 4   SER 4   33  33  SER SER A . n 
A 1 5   TYR 5   34  34  TYR TYR A . n 
A 1 6   ARG 6   35  35  ARG ARG A . n 
A 1 7   GLU 7   36  36  GLU GLU A . n 
A 1 8   ALA 8   37  37  ALA ALA A . n 
A 1 9   VAL 9   38  38  VAL VAL A . n 
A 1 10  LEU 10  39  39  LEU LEU A . n 
A 1 11  ARG 11  40  40  ARG ARG A . n 
A 1 12  ALA 12  41  41  ALA ALA A . n 
A 1 13  VAL 13  42  42  VAL VAL A . n 
A 1 14  ASP 14  43  43  ASP ASP A . n 
A 1 15  ARG 15  44  44  ARG ARG A . n 
A 1 16  LEU 16  45  45  LEU LEU A . n 
A 1 17  ASN 17  46  46  ASN ASN A . n 
A 1 18  GLU 18  47  47  GLU GLU A . n 
A 1 19  GLN 19  48  48  GLN GLN A . n 
A 1 20  SER 20  49  49  SER SER A . n 
A 1 21  SER 21  50  50  SER SER A . n 
A 1 22  GLU 22  51  51  GLU GLU A . n 
A 1 23  ALA 23  52  52  ALA ALA A . n 
A 1 24  ASN 24  53  53  ASN ASN A . n 
A 1 25  LEU 25  54  54  LEU LEU A . n 
A 1 26  TYR 26  55  55  TYR TYR A . n 
A 1 27  ARG 27  56  56  ARG ARG A . n 
A 1 28  LEU 28  57  57  LEU LEU A . n 
A 1 29  LEU 29  58  58  LEU LEU A . n 
A 1 30  GLU 30  59  59  GLU GLU A . n 
A 1 31  LEU 31  60  60  LEU LEU A . n 
A 1 32  ASP 32  61  61  ASP ASP A . n 
A 1 33  GLN 33  62  ?   ?   ?   A . n 
A 1 34  PRO 34  63  ?   ?   ?   A . n 
A 1 35  PRO 35  64  ?   ?   ?   A . n 
A 1 36  LYS 36  65  ?   ?   ?   A . n 
A 1 37  ALA 37  66  ?   ?   ?   A . n 
A 1 38  ASP 38  67  ?   ?   ?   A . n 
A 1 39  GLU 39  68  ?   ?   ?   A . n 
A 1 40  ASP 40  69  ?   ?   ?   A . n 
A 1 41  PRO 41  70  ?   ?   ?   A . n 
A 1 42  GLY 42  71  71  GLY GLY A . n 
A 1 43  THR 43  72  72  THR THR A . n 
A 1 44  PRO 44  73  73  PRO PRO A . n 
A 1 45  LYS 45  74  74  LYS LYS A . n 
A 1 46  PRO 46  75  75  PRO PRO A . n 
A 1 47  VAL 47  76  76  VAL VAL A . n 
A 1 48  SER 48  77  77  SER SER A . n 
A 1 49  PHE 49  78  78  PHE PHE A . n 
A 1 50  THR 50  79  79  THR THR A . n 
A 1 51  VAL 51  80  80  VAL VAL A . n 
A 1 52  LYS 52  81  81  LYS LYS A . n 
A 1 53  GLU 53  82  82  GLU GLU A . n 
A 1 54  THR 54  83  83  THR THR A . n 
A 1 55  VAL 55  84  84  VAL VAL A . n 
A 1 56  CYS 56  85  85  CYS CYS A . n 
A 1 57  PRO 57  86  86  PRO PRO A . n 
A 1 58  ARG 58  87  87  ARG ARG A . n 
A 1 59  PRO 59  88  88  PRO PRO A . n 
A 1 60  THR 60  89  89  THR THR A . n 
A 1 61  ARG 61  90  90  ARG ARG A . n 
A 1 62  GLN 62  91  91  GLN GLN A . n 
A 1 63  PRO 63  92  92  PRO PRO A . n 
A 1 64  PRO 64  93  93  PRO PRO A . n 
A 1 65  GLU 65  94  94  GLU GLU A . n 
A 1 66  LEU 66  95  95  LEU LEU A . n 
A 1 67  CYS 67  96  96  CYS CYS A . n 
A 1 68  ASP 68  97  97  ASP ASP A . n 
A 1 69  PHE 69  98  98  PHE PHE A . n 
A 1 70  LYS 70  99  99  LYS LYS A . n 
A 1 71  GLU 71  100 100 GLU GLU A . n 
A 1 72  ASN 72  101 101 ASN ASN A . n 
A 1 73  GLY 73  102 102 GLY GLY A . n 
A 1 74  ARG 74  103 103 ARG ARG A . n 
A 1 75  VAL 75  104 104 VAL VAL A . n 
A 1 76  LYS 76  105 105 LYS LYS A . n 
A 1 77  GLN 77  106 106 GLN GLN A . n 
A 1 78  CYS 78  107 107 CYS CYS A . n 
A 1 79  VAL 79  108 108 VAL VAL A . n 
A 1 80  GLY 80  109 109 GLY GLY A . n 
A 1 81  THR 81  110 110 THR THR A . n 
A 1 82  VAL 82  111 111 VAL VAL A . n 
A 1 83  THR 83  112 112 THR THR A . n 
A 1 84  LEU 84  113 113 LEU LEU A . n 
A 1 85  ASP 85  114 114 ASP ASP A . n 
A 1 86  GLN 86  115 ?   ?   ?   A . n 
A 1 87  ILE 87  116 ?   ?   ?   A . n 
A 1 88  LYS 88  117 ?   ?   ?   A . n 
A 1 89  ASP 89  118 ?   ?   ?   A . n 
A 1 90  PRO 90  119 119 PRO PRO A . n 
A 1 91  LEU 91  120 120 LEU LEU A . n 
A 1 92  ASP 92  121 121 ASP ASP A . n 
A 1 93  ILE 93  122 122 ILE ILE A . n 
A 1 94  THR 94  123 123 THR THR A . n 
A 1 95  CYS 95  124 124 CYS CYS A . n 
A 1 96  ASN 96  125 125 ASN ASN A . n 
A 1 97  GLU 97  126 126 GLU GLU A . n 
A 1 98  VAL 98  127 127 VAL VAL A . n 
A 1 99  GLN 99  128 128 GLN GLN A . n 
A 1 100 GLY 100 129 ?   ?   ?   A . n 
A 1 101 VAL 101 130 ?   ?   ?   A . n 
# 
loop_
_pdbx_nonpoly_scheme.asym_id 
_pdbx_nonpoly_scheme.entity_id 
_pdbx_nonpoly_scheme.mon_id 
_pdbx_nonpoly_scheme.ndb_seq_num 
_pdbx_nonpoly_scheme.pdb_seq_num 
_pdbx_nonpoly_scheme.auth_seq_num 
_pdbx_nonpoly_scheme.pdb_mon_id 
_pdbx_nonpoly_scheme.auth_mon_id 
_pdbx_nonpoly_scheme.pdb_strand_id 
_pdbx_nonpoly_scheme.pdb_ins_code 
B 2 HOH 1  300 300 HOH TIP A . 
B 2 HOH 2  301 301 HOH TIP A . 
B 2 HOH 3  302 302 HOH TIP A . 
B 2 HOH 4  303 303 HOH TIP A . 
B 2 HOH 5  304 304 HOH TIP A . 
B 2 HOH 6  305 305 HOH TIP A . 
B 2 HOH 7  306 306 HOH TIP A . 
B 2 HOH 8  307 307 HOH TIP A . 
B 2 HOH 9  308 308 HOH TIP A . 
B 2 HOH 10 309 309 HOH TIP A . 
B 2 HOH 11 310 310 HOH TIP A . 
B 2 HOH 12 311 311 HOH TIP A . 
B 2 HOH 13 312 312 HOH TIP A . 
B 2 HOH 14 313 313 HOH TIP A . 
B 2 HOH 15 314 314 HOH TIP A . 
B 2 HOH 16 315 315 HOH TIP A . 
B 2 HOH 17 316 316 HOH TIP A . 
B 2 HOH 18 318 318 HOH TIP A . 
B 2 HOH 19 319 319 HOH TIP A . 
B 2 HOH 20 320 320 HOH TIP A . 
B 2 HOH 21 321 321 HOH TIP A . 
B 2 HOH 22 322 322 HOH TIP A . 
B 2 HOH 23 323 323 HOH TIP A . 
B 2 HOH 24 324 324 HOH TIP A . 
B 2 HOH 25 325 325 HOH TIP A . 
B 2 HOH 26 326 326 HOH TIP A . 
B 2 HOH 27 327 327 HOH TIP A . 
B 2 HOH 28 328 328 HOH TIP A . 
B 2 HOH 29 329 329 HOH TIP A . 
B 2 HOH 30 330 330 HOH TIP A . 
B 2 HOH 31 331 331 HOH TIP A . 
B 2 HOH 32 332 332 HOH TIP A . 
B 2 HOH 33 333 333 HOH TIP A . 
B 2 HOH 34 334 334 HOH TIP A . 
B 2 HOH 35 335 335 HOH TIP A . 
B 2 HOH 36 336 336 HOH TIP A . 
B 2 HOH 37 337 337 HOH TIP A . 
B 2 HOH 38 338 338 HOH TIP A . 
B 2 HOH 39 339 339 HOH TIP A . 
B 2 HOH 40 340 340 HOH TIP A . 
B 2 HOH 41 341 341 HOH TIP A . 
B 2 HOH 42 342 342 HOH TIP A . 
B 2 HOH 43 344 344 HOH TIP A . 
B 2 HOH 44 345 345 HOH TIP A . 
B 2 HOH 45 347 347 HOH TIP A . 
B 2 HOH 46 348 348 HOH TIP A . 
B 2 HOH 47 349 349 HOH TIP A . 
B 2 HOH 48 350 350 HOH TIP A . 
B 2 HOH 49 351 351 HOH TIP A . 
B 2 HOH 50 352 352 HOH TIP A . 
B 2 HOH 51 353 353 HOH TIP A . 
B 2 HOH 52 354 354 HOH TIP A . 
B 2 HOH 53 355 355 HOH TIP A . 
B 2 HOH 54 356 356 HOH TIP A . 
B 2 HOH 55 357 357 HOH TIP A . 
B 2 HOH 56 358 358 HOH TIP A . 
B 2 HOH 57 359 359 HOH TIP A . 
B 2 HOH 58 360 360 HOH TIP A . 
B 2 HOH 59 361 361 HOH TIP A . 
B 2 HOH 60 362 362 HOH TIP A . 
B 2 HOH 61 363 363 HOH TIP A . 
B 2 HOH 62 364 364 HOH TIP A . 
B 2 HOH 63 365 365 HOH TIP A . 
B 2 HOH 64 366 366 HOH TIP A . 
B 2 HOH 65 367 367 HOH TIP A . 
B 2 HOH 66 368 368 HOH TIP A . 
B 2 HOH 67 369 369 HOH TIP A . 
B 2 HOH 68 370 370 HOH TIP A . 
B 2 HOH 69 371 371 HOH TIP A . 
B 2 HOH 70 372 372 HOH TIP A . 
B 2 HOH 71 375 375 HOH TIP A . 
B 2 HOH 72 376 376 HOH TIP A . 
B 2 HOH 73 377 377 HOH TIP A . 
# 
loop_
_software.name 
_software.classification 
_software.version 
_software.citation_id 
_software.pdbx_ordinal 
DENZO     'data reduction' .   ? 1 
SCALEPACK 'data scaling'   .   ? 2 
SOLVE     phasing          .   ? 3 
RESOLVE   'model building' .   ? 4 
CNS       refinement       1.0 ? 5 
RESOLVE   phasing          .   ? 6 
# 
_cell.entry_id           1KWI 
_cell.length_a           51.360 
_cell.length_b           51.360 
_cell.length_c           133.677 
_cell.angle_alpha        90.00 
_cell.angle_beta         90.00 
_cell.angle_gamma        120.00 
_cell.Z_PDB              12 
_cell.pdbx_unique_axis   ? 
# 
_symmetry.entry_id                         1KWI 
_symmetry.space_group_name_H-M             'P 65 2 2' 
_symmetry.pdbx_full_space_group_name_H-M   ? 
_symmetry.cell_setting                     ? 
_symmetry.Int_Tables_number                179 
# 
_exptl.entry_id          1KWI 
_exptl.method            'X-RAY DIFFRACTION' 
_exptl.crystals_number   1 
# 
_exptl_crystal.id                    1 
_exptl_crystal.density_meas          ? 
_exptl_crystal.density_Matthews      2.25 
_exptl_crystal.density_percent_sol   40.0 
_exptl_crystal.description           ? 
# 
_exptl_crystal_grow.crystal_id      1 
_exptl_crystal_grow.method          'VAPOR DIFFUSION, HANGING DROP' 
_exptl_crystal_grow.temp            291 
_exptl_crystal_grow.temp_details    ? 
_exptl_crystal_grow.pH              3.8 
_exptl_crystal_grow.pdbx_details    'ammonium sulfate, sodium acetate, pH 3.8, VAPOR DIFFUSION, HANGING DROP, temperature 291K' 
_exptl_crystal_grow.pdbx_pH_range   ? 
# 
loop_
_diffrn.id 
_diffrn.ambient_temp 
_diffrn.ambient_temp_details 
_diffrn.crystal_id 
1 100 ? 1 
2 100 ? 1 
# 
loop_
_diffrn_detector.diffrn_id 
_diffrn_detector.detector 
_diffrn_detector.type 
_diffrn_detector.pdbx_collection_date 
_diffrn_detector.details 
1 CCD MARRESEARCH 2001-09-16 mirrors 
2 CCD MARRESEARCH 2001-03-29 mirrors 
# 
loop_
_diffrn_radiation.diffrn_id 
_diffrn_radiation.wavelength_id 
_diffrn_radiation.pdbx_monochromatic_or_laue_m_l 
_diffrn_radiation.monochromator 
_diffrn_radiation.pdbx_diffrn_protocol 
_diffrn_radiation.pdbx_scattering_type 
1 1 M mirrors MAD                 x-ray 
2 1 M mirrors 'SINGLE WAVELENGTH' x-ray 
# 
loop_
_diffrn_radiation_wavelength.id 
_diffrn_radiation_wavelength.wavelength 
_diffrn_radiation_wavelength.wt 
1 0.9791 1.0 
2 0.9793 1.0 
3 0.9717 1.0 
4 0.9881 1.0 
# 
loop_
_diffrn_source.diffrn_id 
_diffrn_source.source 
_diffrn_source.type 
_diffrn_source.pdbx_synchrotron_site 
_diffrn_source.pdbx_synchrotron_beamline 
_diffrn_source.pdbx_wavelength 
_diffrn_source.pdbx_wavelength_list 
1 SYNCHROTRON 'ESRF BEAMLINE BM14'  ESRF BM14  ? '0.9791, 0.9793, 0.9717' 
2 SYNCHROTRON 'ESRF BEAMLINE BM30A' ESRF BM30A ? 0.9881                   
# 
_reflns.entry_id                     1KWI 
_reflns.observed_criterion_sigma_I   ? 
_reflns.observed_criterion_sigma_F   1.0 
_reflns.d_resolution_low             24.0 
_reflns.d_resolution_high            2.19 
_reflns.number_obs                   5360 
_reflns.number_all                   5386 
_reflns.percent_possible_obs         91.1 
_reflns.pdbx_Rmerge_I_obs            0.045 
_reflns.pdbx_Rsym_value              0.045 
_reflns.pdbx_netI_over_sigmaI        12.2 
_reflns.B_iso_Wilson_estimate        31.9 
_reflns.pdbx_redundancy              7.60 
_reflns.R_free_details               ? 
_reflns.limit_h_max                  ? 
_reflns.limit_h_min                  ? 
_reflns.limit_k_max                  ? 
_reflns.limit_k_min                  ? 
_reflns.limit_l_max                  ? 
_reflns.limit_l_min                  ? 
_reflns.observed_criterion_F_max     ? 
_reflns.observed_criterion_F_min     ? 
_reflns.pdbx_diffrn_id               1,2 
_reflns.pdbx_ordinal                 1 
# 
_reflns_shell.d_res_high             2.19 
_reflns_shell.d_res_low              2.29 
_reflns_shell.percent_possible_all   94.3 
_reflns_shell.Rmerge_I_obs           ? 
_reflns_shell.pdbx_Rsym_value        ? 
_reflns_shell.meanI_over_sigI_obs    ? 
_reflns_shell.pdbx_redundancy        ? 
_reflns_shell.percent_possible_obs   ? 
_reflns_shell.number_unique_all      ? 
_reflns_shell.pdbx_diffrn_id         ? 
_reflns_shell.pdbx_ordinal           1 
# 
_refine.entry_id                                 1KWI 
_refine.ls_number_reflns_obs                     5360 
_refine.ls_number_reflns_all                     5360 
_refine.pdbx_ls_sigma_I                          ? 
_refine.pdbx_ls_sigma_F                          0.0 
_refine.pdbx_data_cutoff_high_absF               1501596.00 
_refine.pdbx_data_cutoff_low_absF                0.000000 
_refine.ls_d_res_low                             23.97 
_refine.ls_d_res_high                            2.19 
_refine.ls_percent_reflns_obs                    91.1 
_refine.ls_R_factor_obs                          0.229 
_refine.ls_R_factor_all                          0.248 
_refine.ls_R_factor_R_work                       0.229 
_refine.ls_R_factor_R_free                       0.291 
_refine.ls_R_factor_R_free_error                 0.012 
_refine.ls_R_factor_R_free_error_details         ? 
_refine.ls_percent_reflns_R_free                 10.6 
_refine.ls_number_reflns_R_free                  568 
_refine.ls_number_parameters                     ? 
_refine.ls_number_restraints                     ? 
_refine.occupancy_min                            ? 
_refine.occupancy_max                            ? 
_refine.B_iso_mean                               37.8 
_refine.aniso_B[1][1]                            2.09 
_refine.aniso_B[2][2]                            2.09 
_refine.aniso_B[3][3]                            -4.18 
_refine.aniso_B[1][2]                            2.65 
_refine.aniso_B[1][3]                            0.00 
_refine.aniso_B[2][3]                            0.00 
_refine.solvent_model_details                    'FLAT MODEL' 
_refine.solvent_model_param_ksol                 0.415484 
_refine.solvent_model_param_bsol                 85.8159 
_refine.pdbx_ls_cross_valid_method               THROUGHOUT 
_refine.details                                  ? 
_refine.pdbx_starting_model                      ? 
_refine.pdbx_method_to_determine_struct          MAD 
_refine.pdbx_isotropic_thermal_model             RESTRAINED 
_refine.pdbx_stereochemistry_target_values       'Engh & Huber' 
_refine.pdbx_stereochem_target_val_spec_case     ? 
_refine.pdbx_R_Free_selection_details            RANDOM 
_refine.pdbx_overall_ESU_R_Free                  ? 
_refine.overall_SU_B                             ? 
_refine.ls_redundancy_reflns_obs                 ? 
_refine.B_iso_min                                ? 
_refine.B_iso_max                                ? 
_refine.correlation_coeff_Fo_to_Fc               ? 
_refine.overall_SU_R_Cruickshank_DPI             ? 
_refine.overall_SU_R_free                        ? 
_refine.overall_SU_ML                            ? 
_refine.pdbx_overall_ESU_R                       ? 
_refine.pdbx_data_cutoff_high_rms_absF           ? 
_refine.correlation_coeff_Fo_to_Fc_free          ? 
_refine.pdbx_solvent_vdw_probe_radii             ? 
_refine.pdbx_solvent_ion_probe_radii             ? 
_refine.pdbx_solvent_shrinkage_radii             ? 
_refine.pdbx_refine_id                           'X-RAY DIFFRACTION' 
_refine.pdbx_diffrn_id                           1 
_refine.pdbx_TLS_residual_ADP_flag               ? 
_refine.pdbx_overall_phase_error                 ? 
_refine.pdbx_overall_SU_R_free_Cruickshank_DPI   ? 
_refine.pdbx_overall_SU_R_Blow_DPI               ? 
_refine.pdbx_overall_SU_R_free_Blow_DPI          ? 
# 
_refine_analyze.entry_id                        1KWI 
_refine_analyze.Luzzati_coordinate_error_obs    0.27 
_refine_analyze.Luzzati_sigma_a_obs             0.16 
_refine_analyze.Luzzati_d_res_low_obs           5.00 
_refine_analyze.Luzzati_coordinate_error_free   0.41 
_refine_analyze.Luzzati_sigma_a_free            0.28 
_refine_analyze.Luzzati_d_res_low_free          ? 
_refine_analyze.number_disordered_residues      ? 
_refine_analyze.occupancy_sum_hydrogen          ? 
_refine_analyze.occupancy_sum_non_hydrogen      ? 
_refine_analyze.pdbx_Luzzati_d_res_high_obs     ? 
_refine_analyze.pdbx_refine_id                  'X-RAY DIFFRACTION' 
# 
_refine_hist.pdbx_refine_id                   'X-RAY DIFFRACTION' 
_refine_hist.cycle_id                         LAST 
_refine_hist.pdbx_number_atoms_protein        668 
_refine_hist.pdbx_number_atoms_nucleic_acid   0 
_refine_hist.pdbx_number_atoms_ligand         0 
_refine_hist.number_atoms_solvent             73 
_refine_hist.number_atoms_total               741 
_refine_hist.d_res_high                       2.19 
_refine_hist.d_res_low                        23.97 
# 
loop_
_refine_ls_restr.type 
_refine_ls_restr.dev_ideal 
_refine_ls_restr.dev_ideal_target 
_refine_ls_restr.weight 
_refine_ls_restr.number 
_refine_ls_restr.pdbx_refine_id 
_refine_ls_restr.pdbx_restraint_function 
c_bond_d                0.012 ? ? ? 'X-RAY DIFFRACTION' ? 
c_bond_d_na             ?     ? ? ? 'X-RAY DIFFRACTION' ? 
c_bond_d_prot           ?     ? ? ? 'X-RAY DIFFRACTION' ? 
c_angle_d               ?     ? ? ? 'X-RAY DIFFRACTION' ? 
c_angle_d_na            ?     ? ? ? 'X-RAY DIFFRACTION' ? 
c_angle_d_prot          ?     ? ? ? 'X-RAY DIFFRACTION' ? 
c_angle_deg             1.6   ? ? ? 'X-RAY DIFFRACTION' ? 
c_angle_deg_na          ?     ? ? ? 'X-RAY DIFFRACTION' ? 
c_angle_deg_prot        ?     ? ? ? 'X-RAY DIFFRACTION' ? 
c_dihedral_angle_d      24.3  ? ? ? 'X-RAY DIFFRACTION' ? 
c_dihedral_angle_d_na   ?     ? ? ? 'X-RAY DIFFRACTION' ? 
c_dihedral_angle_d_prot ?     ? ? ? 'X-RAY DIFFRACTION' ? 
c_improper_angle_d      1.04  ? ? ? 'X-RAY DIFFRACTION' ? 
c_improper_angle_d_na   ?     ? ? ? 'X-RAY DIFFRACTION' ? 
c_improper_angle_d_prot ?     ? ? ? 'X-RAY DIFFRACTION' ? 
c_mcbond_it             ?     ? ? ? 'X-RAY DIFFRACTION' ? 
c_mcangle_it            ?     ? ? ? 'X-RAY DIFFRACTION' ? 
c_scbond_it             ?     ? ? ? 'X-RAY DIFFRACTION' ? 
c_scangle_it            ?     ? ? ? 'X-RAY DIFFRACTION' ? 
# 
_refine_ls_shell.pdbx_total_number_of_bins_used   6 
_refine_ls_shell.d_res_high                       2.19 
_refine_ls_shell.d_res_low                        2.33 
_refine_ls_shell.number_reflns_R_work             790 
_refine_ls_shell.R_factor_R_work                  0.231 
_refine_ls_shell.percent_reflns_obs               93.8 
_refine_ls_shell.R_factor_R_free                  0.313 
_refine_ls_shell.R_factor_R_free_error            0.031 
_refine_ls_shell.percent_reflns_R_free            11.1 
_refine_ls_shell.number_reflns_R_free             99 
_refine_ls_shell.number_reflns_obs                ? 
_refine_ls_shell.redundancy_reflns_obs            ? 
_refine_ls_shell.number_reflns_all                ? 
_refine_ls_shell.pdbx_refine_id                   'X-RAY DIFFRACTION' 
_refine_ls_shell.R_factor_all                     ? 
# 
loop_
_pdbx_xplor_file.serial_no 
_pdbx_xplor_file.param_file 
_pdbx_xplor_file.topol_file 
_pdbx_xplor_file.pdbx_refine_id 
1 PROTEIN_REP.PARAM PROTEIN.TOP 'X-RAY DIFFRACTION' 
2 WATER_REP.PARAM   WATER.TOP   'X-RAY DIFFRACTION' 
# 
_struct.entry_id                  1KWI 
_struct.title                     'Crystal Structure Analysis of the Cathelicidin Motif of Protegrins' 
_struct.pdbx_model_details        ? 
_struct.pdbx_CASP_flag            ? 
_struct.pdbx_model_type_details   ? 
# 
_struct_keywords.entry_id        1KWI 
_struct_keywords.pdbx_keywords   'ANTIMICROBIAL PROTEIN' 
_struct_keywords.text            'protegrin, cathelicidin motif, disulfide, MAD, selenocystine, ANTIMICROBIAL PROTEIN' 
# 
loop_
_struct_asym.id 
_struct_asym.pdbx_blank_PDB_chainid_flag 
_struct_asym.pdbx_modified 
_struct_asym.entity_id 
_struct_asym.details 
A N N 1 ? 
B N N 2 ? 
# 
_struct_ref.id                         1 
_struct_ref.db_name                    UNP 
_struct_ref.db_code                    PG3_PIG 
_struct_ref.entity_id                  1 
_struct_ref.pdbx_seq_one_letter_code   
;QALSYREAVLRAVDRLNEQSSEANLYRLLELDQPPKADEDPGTPKPVSFTVKETVCPRPTRQPPELCDFKENGRVKQCVG
TVTLDQIKDPLDITCNEVQGV
;
_struct_ref.pdbx_align_begin           30 
_struct_ref.pdbx_db_accession          P32196 
_struct_ref.pdbx_db_isoform            ? 
# 
_struct_ref_seq.align_id                      1 
_struct_ref_seq.ref_id                        1 
_struct_ref_seq.pdbx_PDB_id_code              1KWI 
_struct_ref_seq.pdbx_strand_id                A 
_struct_ref_seq.seq_align_beg                 1 
_struct_ref_seq.pdbx_seq_align_beg_ins_code   ? 
_struct_ref_seq.seq_align_end                 101 
_struct_ref_seq.pdbx_seq_align_end_ins_code   ? 
_struct_ref_seq.pdbx_db_accession             P32196 
_struct_ref_seq.db_align_beg                  30 
_struct_ref_seq.pdbx_db_align_beg_ins_code    ? 
_struct_ref_seq.db_align_end                  130 
_struct_ref_seq.pdbx_db_align_end_ins_code    ? 
_struct_ref_seq.pdbx_auth_seq_align_beg       30 
_struct_ref_seq.pdbx_auth_seq_align_end       130 
# 
_pdbx_struct_assembly.id                   1 
_pdbx_struct_assembly.details              author_defined_assembly 
_pdbx_struct_assembly.method_details       ? 
_pdbx_struct_assembly.oligomeric_details   monomeric 
_pdbx_struct_assembly.oligomeric_count     1 
# 
_pdbx_struct_assembly_gen.assembly_id       1 
_pdbx_struct_assembly_gen.oper_expression   1 
_pdbx_struct_assembly_gen.asym_id_list      A,B 
# 
_pdbx_struct_oper_list.id                   1 
_pdbx_struct_oper_list.type                 'identity operation' 
_pdbx_struct_oper_list.name                 1_555 
_pdbx_struct_oper_list.symmetry_operation   x,y,z 
_pdbx_struct_oper_list.matrix[1][1]         1.0000000000 
_pdbx_struct_oper_list.matrix[1][2]         0.0000000000 
_pdbx_struct_oper_list.matrix[1][3]         0.0000000000 
_pdbx_struct_oper_list.vector[1]            0.0000000000 
_pdbx_struct_oper_list.matrix[2][1]         0.0000000000 
_pdbx_struct_oper_list.matrix[2][2]         1.0000000000 
_pdbx_struct_oper_list.matrix[2][3]         0.0000000000 
_pdbx_struct_oper_list.vector[2]            0.0000000000 
_pdbx_struct_oper_list.matrix[3][1]         0.0000000000 
_pdbx_struct_oper_list.matrix[3][2]         0.0000000000 
_pdbx_struct_oper_list.matrix[3][3]         1.0000000000 
_pdbx_struct_oper_list.vector[3]            0.0000000000 
# 
_struct_biol.id                    1 
_struct_biol.details               . 
_struct_biol.pdbx_parent_biol_id   ? 
# 
loop_
_struct_conf.conf_type_id 
_struct_conf.id 
_struct_conf.pdbx_PDB_helix_id 
_struct_conf.beg_label_comp_id 
_struct_conf.beg_label_asym_id 
_struct_conf.beg_label_seq_id 
_struct_conf.pdbx_beg_PDB_ins_code 
_struct_conf.end_label_comp_id 
_struct_conf.end_label_asym_id 
_struct_conf.end_label_seq_id 
_struct_conf.pdbx_end_PDB_ins_code 
_struct_conf.beg_auth_comp_id 
_struct_conf.beg_auth_asym_id 
_struct_conf.beg_auth_seq_id 
_struct_conf.end_auth_comp_id 
_struct_conf.end_auth_asym_id 
_struct_conf.end_auth_seq_id 
_struct_conf.pdbx_PDB_helix_class 
_struct_conf.details 
_struct_conf.pdbx_PDB_helix_length 
HELX_P HELX_P1 1 ALA A 2  ? SER A 20 ? ALA A 31 SER A 49 1 ? 19 
HELX_P HELX_P2 2 PRO A 63 ? CYS A 67 ? PRO A 92 CYS A 96 5 ? 5  
# 
_struct_conf_type.id          HELX_P 
_struct_conf_type.criteria    ? 
_struct_conf_type.reference   ? 
# 
loop_
_struct_conn.id 
_struct_conn.conn_type_id 
_struct_conn.pdbx_leaving_atom_flag 
_struct_conn.pdbx_PDB_id 
_struct_conn.ptnr1_label_asym_id 
_struct_conn.ptnr1_label_comp_id 
_struct_conn.ptnr1_label_seq_id 
_struct_conn.ptnr1_label_atom_id 
_struct_conn.pdbx_ptnr1_label_alt_id 
_struct_conn.pdbx_ptnr1_PDB_ins_code 
_struct_conn.pdbx_ptnr1_standard_comp_id 
_struct_conn.ptnr1_symmetry 
_struct_conn.ptnr2_label_asym_id 
_struct_conn.ptnr2_label_comp_id 
_struct_conn.ptnr2_label_seq_id 
_struct_conn.ptnr2_label_atom_id 
_struct_conn.pdbx_ptnr2_label_alt_id 
_struct_conn.pdbx_ptnr2_PDB_ins_code 
_struct_conn.ptnr1_auth_asym_id 
_struct_conn.ptnr1_auth_comp_id 
_struct_conn.ptnr1_auth_seq_id 
_struct_conn.ptnr2_auth_asym_id 
_struct_conn.ptnr2_auth_comp_id 
_struct_conn.ptnr2_auth_seq_id 
_struct_conn.ptnr2_symmetry 
_struct_conn.pdbx_ptnr3_label_atom_id 
_struct_conn.pdbx_ptnr3_label_seq_id 
_struct_conn.pdbx_ptnr3_label_comp_id 
_struct_conn.pdbx_ptnr3_label_asym_id 
_struct_conn.pdbx_ptnr3_label_alt_id 
_struct_conn.pdbx_ptnr3_PDB_ins_code 
_struct_conn.details 
_struct_conn.pdbx_dist_value 
_struct_conn.pdbx_value_order 
_struct_conn.pdbx_role 
disulf1 disulf ? ? A CYS 56 SG ? ? ? 1_555 A CYS 67 SG ? ? A CYS 85  A CYS 96  1_555 ? ? ? ? ? ? ? 2.043 ? ? 
disulf2 disulf ? ? A CYS 78 SG ? ? ? 1_555 A CYS 95 SG ? ? A CYS 107 A CYS 124 1_555 ? ? ? ? ? ? ? 2.029 ? ? 
# 
_struct_conn_type.id          disulf 
_struct_conn_type.criteria    ? 
_struct_conn_type.reference   ? 
# 
loop_
_pdbx_modification_feature.ordinal 
_pdbx_modification_feature.label_comp_id 
_pdbx_modification_feature.label_asym_id 
_pdbx_modification_feature.label_seq_id 
_pdbx_modification_feature.label_alt_id 
_pdbx_modification_feature.modified_residue_label_comp_id 
_pdbx_modification_feature.modified_residue_label_asym_id 
_pdbx_modification_feature.modified_residue_label_seq_id 
_pdbx_modification_feature.modified_residue_label_alt_id 
_pdbx_modification_feature.auth_comp_id 
_pdbx_modification_feature.auth_asym_id 
_pdbx_modification_feature.auth_seq_id 
_pdbx_modification_feature.PDB_ins_code 
_pdbx_modification_feature.symmetry 
_pdbx_modification_feature.modified_residue_auth_comp_id 
_pdbx_modification_feature.modified_residue_auth_asym_id 
_pdbx_modification_feature.modified_residue_auth_seq_id 
_pdbx_modification_feature.modified_residue_PDB_ins_code 
_pdbx_modification_feature.modified_residue_symmetry 
_pdbx_modification_feature.comp_id_linking_atom 
_pdbx_modification_feature.modified_residue_id_linking_atom 
_pdbx_modification_feature.modified_residue_id 
_pdbx_modification_feature.ref_pcm_id 
_pdbx_modification_feature.ref_comp_id 
_pdbx_modification_feature.type 
_pdbx_modification_feature.category 
1 CYS A 56 ? CYS A 67 ? CYS A 85  ? 1_555 CYS A 96  ? 1_555 SG SG . . . None 'Disulfide bridge' 
2 CYS A 78 ? CYS A 95 ? CYS A 107 ? 1_555 CYS A 124 ? 1_555 SG SG . . . None 'Disulfide bridge' 
# 
_struct_sheet.id               A 
_struct_sheet.type             ? 
_struct_sheet.number_strands   4 
_struct_sheet.details          ? 
# 
loop_
_struct_sheet_order.sheet_id 
_struct_sheet_order.range_id_1 
_struct_sheet_order.range_id_2 
_struct_sheet_order.offset 
_struct_sheet_order.sense 
A 1 2 ? anti-parallel 
A 2 3 ? anti-parallel 
A 3 4 ? anti-parallel 
# 
loop_
_struct_sheet_range.sheet_id 
_struct_sheet_range.id 
_struct_sheet_range.beg_label_comp_id 
_struct_sheet_range.beg_label_asym_id 
_struct_sheet_range.beg_label_seq_id 
_struct_sheet_range.pdbx_beg_PDB_ins_code 
_struct_sheet_range.end_label_comp_id 
_struct_sheet_range.end_label_asym_id 
_struct_sheet_range.end_label_seq_id 
_struct_sheet_range.pdbx_end_PDB_ins_code 
_struct_sheet_range.beg_auth_comp_id 
_struct_sheet_range.beg_auth_asym_id 
_struct_sheet_range.beg_auth_seq_id 
_struct_sheet_range.end_auth_comp_id 
_struct_sheet_range.end_auth_asym_id 
_struct_sheet_range.end_auth_seq_id 
A 1 ASN A 24 ? LEU A 31 ? ASN A 53  LEU A 60  
A 2 LYS A 45 ? PRO A 57 ? LYS A 74  PRO A 86  
A 3 VAL A 75 ? VAL A 82 ? VAL A 104 VAL A 111 
A 4 ASP A 92 ? GLU A 97 ? ASP A 121 GLU A 126 
# 
loop_
_pdbx_struct_sheet_hbond.sheet_id 
_pdbx_struct_sheet_hbond.range_id_1 
_pdbx_struct_sheet_hbond.range_id_2 
_pdbx_struct_sheet_hbond.range_1_label_atom_id 
_pdbx_struct_sheet_hbond.range_1_label_comp_id 
_pdbx_struct_sheet_hbond.range_1_label_asym_id 
_pdbx_struct_sheet_hbond.range_1_label_seq_id 
_pdbx_struct_sheet_hbond.range_1_PDB_ins_code 
_pdbx_struct_sheet_hbond.range_1_auth_atom_id 
_pdbx_struct_sheet_hbond.range_1_auth_comp_id 
_pdbx_struct_sheet_hbond.range_1_auth_asym_id 
_pdbx_struct_sheet_hbond.range_1_auth_seq_id 
_pdbx_struct_sheet_hbond.range_2_label_atom_id 
_pdbx_struct_sheet_hbond.range_2_label_comp_id 
_pdbx_struct_sheet_hbond.range_2_label_asym_id 
_pdbx_struct_sheet_hbond.range_2_label_seq_id 
_pdbx_struct_sheet_hbond.range_2_PDB_ins_code 
_pdbx_struct_sheet_hbond.range_2_auth_atom_id 
_pdbx_struct_sheet_hbond.range_2_auth_comp_id 
_pdbx_struct_sheet_hbond.range_2_auth_asym_id 
_pdbx_struct_sheet_hbond.range_2_auth_seq_id 
A 1 2 N ARG A 27 ? N ARG A 56  O LYS A 52 ? O LYS A 81  
A 2 3 N PHE A 49 ? N PHE A 78  O CYS A 78 ? O CYS A 107 
A 3 4 N THR A 81 ? N THR A 110 O ASP A 92 ? O ASP A 121 
# 
_pdbx_entry_details.entry_id                   1KWI 
_pdbx_entry_details.compound_details           ? 
_pdbx_entry_details.source_details             ? 
_pdbx_entry_details.nonpolymer_details         ? 
_pdbx_entry_details.sequence_details           ? 
_pdbx_entry_details.has_ligand_of_interest     ? 
_pdbx_entry_details.has_protein_modification   Y 
# 
loop_
_pdbx_validate_torsion.id 
_pdbx_validate_torsion.PDB_model_num 
_pdbx_validate_torsion.auth_comp_id 
_pdbx_validate_torsion.auth_asym_id 
_pdbx_validate_torsion.auth_seq_id 
_pdbx_validate_torsion.PDB_ins_code 
_pdbx_validate_torsion.label_alt_id 
_pdbx_validate_torsion.phi 
_pdbx_validate_torsion.psi 
1 1 ARG A 90  ? ? -85.28 46.60 
2 1 LEU A 113 ? ? -58.74 -0.02 
# 
loop_
_pdbx_unobs_or_zero_occ_residues.id 
_pdbx_unobs_or_zero_occ_residues.PDB_model_num 
_pdbx_unobs_or_zero_occ_residues.polymer_flag 
_pdbx_unobs_or_zero_occ_residues.occupancy_flag 
_pdbx_unobs_or_zero_occ_residues.auth_asym_id 
_pdbx_unobs_or_zero_occ_residues.auth_comp_id 
_pdbx_unobs_or_zero_occ_residues.auth_seq_id 
_pdbx_unobs_or_zero_occ_residues.PDB_ins_code 
_pdbx_unobs_or_zero_occ_residues.label_asym_id 
_pdbx_unobs_or_zero_occ_residues.label_comp_id 
_pdbx_unobs_or_zero_occ_residues.label_seq_id 
1  1 Y 1 A GLN 30  ? A GLN 1   
2  1 Y 1 A GLN 62  ? A GLN 33  
3  1 Y 1 A PRO 63  ? A PRO 34  
4  1 Y 1 A PRO 64  ? A PRO 35  
5  1 Y 1 A LYS 65  ? A LYS 36  
6  1 Y 1 A ALA 66  ? A ALA 37  
7  1 Y 1 A ASP 67  ? A ASP 38  
8  1 Y 1 A GLU 68  ? A GLU 39  
9  1 Y 1 A ASP 69  ? A ASP 40  
10 1 Y 1 A PRO 70  ? A PRO 41  
11 1 Y 1 A GLN 115 ? A GLN 86  
12 1 Y 1 A ILE 116 ? A ILE 87  
13 1 Y 1 A LYS 117 ? A LYS 88  
14 1 Y 1 A ASP 118 ? A ASP 89  
15 1 Y 1 A GLY 129 ? A GLY 100 
16 1 Y 1 A VAL 130 ? A VAL 101 
# 
loop_
_chem_comp_atom.comp_id 
_chem_comp_atom.atom_id 
_chem_comp_atom.type_symbol 
_chem_comp_atom.pdbx_aromatic_flag 
_chem_comp_atom.pdbx_stereo_config 
_chem_comp_atom.pdbx_ordinal 
ALA N    N N N 1   
ALA CA   C N S 2   
ALA C    C N N 3   
ALA O    O N N 4   
ALA CB   C N N 5   
ALA OXT  O N N 6   
ALA H    H N N 7   
ALA H2   H N N 8   
ALA HA   H N N 9   
ALA HB1  H N N 10  
ALA HB2  H N N 11  
ALA HB3  H N N 12  
ALA HXT  H N N 13  
ARG N    N N N 14  
ARG CA   C N S 15  
ARG C    C N N 16  
ARG O    O N N 17  
ARG CB   C N N 18  
ARG CG   C N N 19  
ARG CD   C N N 20  
ARG NE   N N N 21  
ARG CZ   C N N 22  
ARG NH1  N N N 23  
ARG NH2  N N N 24  
ARG OXT  O N N 25  
ARG H    H N N 26  
ARG H2   H N N 27  
ARG HA   H N N 28  
ARG HB2  H N N 29  
ARG HB3  H N N 30  
ARG HG2  H N N 31  
ARG HG3  H N N 32  
ARG HD2  H N N 33  
ARG HD3  H N N 34  
ARG HE   H N N 35  
ARG HH11 H N N 36  
ARG HH12 H N N 37  
ARG HH21 H N N 38  
ARG HH22 H N N 39  
ARG HXT  H N N 40  
ASN N    N N N 41  
ASN CA   C N S 42  
ASN C    C N N 43  
ASN O    O N N 44  
ASN CB   C N N 45  
ASN CG   C N N 46  
ASN OD1  O N N 47  
ASN ND2  N N N 48  
ASN OXT  O N N 49  
ASN H    H N N 50  
ASN H2   H N N 51  
ASN HA   H N N 52  
ASN HB2  H N N 53  
ASN HB3  H N N 54  
ASN HD21 H N N 55  
ASN HD22 H N N 56  
ASN HXT  H N N 57  
ASP N    N N N 58  
ASP CA   C N S 59  
ASP C    C N N 60  
ASP O    O N N 61  
ASP CB   C N N 62  
ASP CG   C N N 63  
ASP OD1  O N N 64  
ASP OD2  O N N 65  
ASP OXT  O N N 66  
ASP H    H N N 67  
ASP H2   H N N 68  
ASP HA   H N N 69  
ASP HB2  H N N 70  
ASP HB3  H N N 71  
ASP HD2  H N N 72  
ASP HXT  H N N 73  
CYS N    N N N 74  
CYS CA   C N R 75  
CYS C    C N N 76  
CYS O    O N N 77  
CYS CB   C N N 78  
CYS SG   S N N 79  
CYS OXT  O N N 80  
CYS H    H N N 81  
CYS H2   H N N 82  
CYS HA   H N N 83  
CYS HB2  H N N 84  
CYS HB3  H N N 85  
CYS HG   H N N 86  
CYS HXT  H N N 87  
GLN N    N N N 88  
GLN CA   C N S 89  
GLN C    C N N 90  
GLN O    O N N 91  
GLN CB   C N N 92  
GLN CG   C N N 93  
GLN CD   C N N 94  
GLN OE1  O N N 95  
GLN NE2  N N N 96  
GLN OXT  O N N 97  
GLN H    H N N 98  
GLN H2   H N N 99  
GLN HA   H N N 100 
GLN HB2  H N N 101 
GLN HB3  H N N 102 
GLN HG2  H N N 103 
GLN HG3  H N N 104 
GLN HE21 H N N 105 
GLN HE22 H N N 106 
GLN HXT  H N N 107 
GLU N    N N N 108 
GLU CA   C N S 109 
GLU C    C N N 110 
GLU O    O N N 111 
GLU CB   C N N 112 
GLU CG   C N N 113 
GLU CD   C N N 114 
GLU OE1  O N N 115 
GLU OE2  O N N 116 
GLU OXT  O N N 117 
GLU H    H N N 118 
GLU H2   H N N 119 
GLU HA   H N N 120 
GLU HB2  H N N 121 
GLU HB3  H N N 122 
GLU HG2  H N N 123 
GLU HG3  H N N 124 
GLU HE2  H N N 125 
GLU HXT  H N N 126 
GLY N    N N N 127 
GLY CA   C N N 128 
GLY C    C N N 129 
GLY O    O N N 130 
GLY OXT  O N N 131 
GLY H    H N N 132 
GLY H2   H N N 133 
GLY HA2  H N N 134 
GLY HA3  H N N 135 
GLY HXT  H N N 136 
HOH O    O N N 137 
HOH H1   H N N 138 
HOH H2   H N N 139 
ILE N    N N N 140 
ILE CA   C N S 141 
ILE C    C N N 142 
ILE O    O N N 143 
ILE CB   C N S 144 
ILE CG1  C N N 145 
ILE CG2  C N N 146 
ILE CD1  C N N 147 
ILE OXT  O N N 148 
ILE H    H N N 149 
ILE H2   H N N 150 
ILE HA   H N N 151 
ILE HB   H N N 152 
ILE HG12 H N N 153 
ILE HG13 H N N 154 
ILE HG21 H N N 155 
ILE HG22 H N N 156 
ILE HG23 H N N 157 
ILE HD11 H N N 158 
ILE HD12 H N N 159 
ILE HD13 H N N 160 
ILE HXT  H N N 161 
LEU N    N N N 162 
LEU CA   C N S 163 
LEU C    C N N 164 
LEU O    O N N 165 
LEU CB   C N N 166 
LEU CG   C N N 167 
LEU CD1  C N N 168 
LEU CD2  C N N 169 
LEU OXT  O N N 170 
LEU H    H N N 171 
LEU H2   H N N 172 
LEU HA   H N N 173 
LEU HB2  H N N 174 
LEU HB3  H N N 175 
LEU HG   H N N 176 
LEU HD11 H N N 177 
LEU HD12 H N N 178 
LEU HD13 H N N 179 
LEU HD21 H N N 180 
LEU HD22 H N N 181 
LEU HD23 H N N 182 
LEU HXT  H N N 183 
LYS N    N N N 184 
LYS CA   C N S 185 
LYS C    C N N 186 
LYS O    O N N 187 
LYS CB   C N N 188 
LYS CG   C N N 189 
LYS CD   C N N 190 
LYS CE   C N N 191 
LYS NZ   N N N 192 
LYS OXT  O N N 193 
LYS H    H N N 194 
LYS H2   H N N 195 
LYS HA   H N N 196 
LYS HB2  H N N 197 
LYS HB3  H N N 198 
LYS HG2  H N N 199 
LYS HG3  H N N 200 
LYS HD2  H N N 201 
LYS HD3  H N N 202 
LYS HE2  H N N 203 
LYS HE3  H N N 204 
LYS HZ1  H N N 205 
LYS HZ2  H N N 206 
LYS HZ3  H N N 207 
LYS HXT  H N N 208 
PHE N    N N N 209 
PHE CA   C N S 210 
PHE C    C N N 211 
PHE O    O N N 212 
PHE CB   C N N 213 
PHE CG   C Y N 214 
PHE CD1  C Y N 215 
PHE CD2  C Y N 216 
PHE CE1  C Y N 217 
PHE CE2  C Y N 218 
PHE CZ   C Y N 219 
PHE OXT  O N N 220 
PHE H    H N N 221 
PHE H2   H N N 222 
PHE HA   H N N 223 
PHE HB2  H N N 224 
PHE HB3  H N N 225 
PHE HD1  H N N 226 
PHE HD2  H N N 227 
PHE HE1  H N N 228 
PHE HE2  H N N 229 
PHE HZ   H N N 230 
PHE HXT  H N N 231 
PRO N    N N N 232 
PRO CA   C N S 233 
PRO C    C N N 234 
PRO O    O N N 235 
PRO CB   C N N 236 
PRO CG   C N N 237 
PRO CD   C N N 238 
PRO OXT  O N N 239 
PRO H    H N N 240 
PRO HA   H N N 241 
PRO HB2  H N N 242 
PRO HB3  H N N 243 
PRO HG2  H N N 244 
PRO HG3  H N N 245 
PRO HD2  H N N 246 
PRO HD3  H N N 247 
PRO HXT  H N N 248 
SER N    N N N 249 
SER CA   C N S 250 
SER C    C N N 251 
SER O    O N N 252 
SER CB   C N N 253 
SER OG   O N N 254 
SER OXT  O N N 255 
SER H    H N N 256 
SER H2   H N N 257 
SER HA   H N N 258 
SER HB2  H N N 259 
SER HB3  H N N 260 
SER HG   H N N 261 
SER HXT  H N N 262 
THR N    N N N 263 
THR CA   C N S 264 
THR C    C N N 265 
THR O    O N N 266 
THR CB   C N R 267 
THR OG1  O N N 268 
THR CG2  C N N 269 
THR OXT  O N N 270 
THR H    H N N 271 
THR H2   H N N 272 
THR HA   H N N 273 
THR HB   H N N 274 
THR HG1  H N N 275 
THR HG21 H N N 276 
THR HG22 H N N 277 
THR HG23 H N N 278 
THR HXT  H N N 279 
TYR N    N N N 280 
TYR CA   C N S 281 
TYR C    C N N 282 
TYR O    O N N 283 
TYR CB   C N N 284 
TYR CG   C Y N 285 
TYR CD1  C Y N 286 
TYR CD2  C Y N 287 
TYR CE1  C Y N 288 
TYR CE2  C Y N 289 
TYR CZ   C Y N 290 
TYR OH   O N N 291 
TYR OXT  O N N 292 
TYR H    H N N 293 
TYR H2   H N N 294 
TYR HA   H N N 295 
TYR HB2  H N N 296 
TYR HB3  H N N 297 
TYR HD1  H N N 298 
TYR HD2  H N N 299 
TYR HE1  H N N 300 
TYR HE2  H N N 301 
TYR HH   H N N 302 
TYR HXT  H N N 303 
VAL N    N N N 304 
VAL CA   C N S 305 
VAL C    C N N 306 
VAL O    O N N 307 
VAL CB   C N N 308 
VAL CG1  C N N 309 
VAL CG2  C N N 310 
VAL OXT  O N N 311 
VAL H    H N N 312 
VAL H2   H N N 313 
VAL HA   H N N 314 
VAL HB   H N N 315 
VAL HG11 H N N 316 
VAL HG12 H N N 317 
VAL HG13 H N N 318 
VAL HG21 H N N 319 
VAL HG22 H N N 320 
VAL HG23 H N N 321 
VAL HXT  H N N 322 
# 
loop_
_chem_comp_bond.comp_id 
_chem_comp_bond.atom_id_1 
_chem_comp_bond.atom_id_2 
_chem_comp_bond.value_order 
_chem_comp_bond.pdbx_aromatic_flag 
_chem_comp_bond.pdbx_stereo_config 
_chem_comp_bond.pdbx_ordinal 
ALA N   CA   sing N N 1   
ALA N   H    sing N N 2   
ALA N   H2   sing N N 3   
ALA CA  C    sing N N 4   
ALA CA  CB   sing N N 5   
ALA CA  HA   sing N N 6   
ALA C   O    doub N N 7   
ALA C   OXT  sing N N 8   
ALA CB  HB1  sing N N 9   
ALA CB  HB2  sing N N 10  
ALA CB  HB3  sing N N 11  
ALA OXT HXT  sing N N 12  
ARG N   CA   sing N N 13  
ARG N   H    sing N N 14  
ARG N   H2   sing N N 15  
ARG CA  C    sing N N 16  
ARG CA  CB   sing N N 17  
ARG CA  HA   sing N N 18  
ARG C   O    doub N N 19  
ARG C   OXT  sing N N 20  
ARG CB  CG   sing N N 21  
ARG CB  HB2  sing N N 22  
ARG CB  HB3  sing N N 23  
ARG CG  CD   sing N N 24  
ARG CG  HG2  sing N N 25  
ARG CG  HG3  sing N N 26  
ARG CD  NE   sing N N 27  
ARG CD  HD2  sing N N 28  
ARG CD  HD3  sing N N 29  
ARG NE  CZ   sing N N 30  
ARG NE  HE   sing N N 31  
ARG CZ  NH1  sing N N 32  
ARG CZ  NH2  doub N N 33  
ARG NH1 HH11 sing N N 34  
ARG NH1 HH12 sing N N 35  
ARG NH2 HH21 sing N N 36  
ARG NH2 HH22 sing N N 37  
ARG OXT HXT  sing N N 38  
ASN N   CA   sing N N 39  
ASN N   H    sing N N 40  
ASN N   H2   sing N N 41  
ASN CA  C    sing N N 42  
ASN CA  CB   sing N N 43  
ASN CA  HA   sing N N 44  
ASN C   O    doub N N 45  
ASN C   OXT  sing N N 46  
ASN CB  CG   sing N N 47  
ASN CB  HB2  sing N N 48  
ASN CB  HB3  sing N N 49  
ASN CG  OD1  doub N N 50  
ASN CG  ND2  sing N N 51  
ASN ND2 HD21 sing N N 52  
ASN ND2 HD22 sing N N 53  
ASN OXT HXT  sing N N 54  
ASP N   CA   sing N N 55  
ASP N   H    sing N N 56  
ASP N   H2   sing N N 57  
ASP CA  C    sing N N 58  
ASP CA  CB   sing N N 59  
ASP CA  HA   sing N N 60  
ASP C   O    doub N N 61  
ASP C   OXT  sing N N 62  
ASP CB  CG   sing N N 63  
ASP CB  HB2  sing N N 64  
ASP CB  HB3  sing N N 65  
ASP CG  OD1  doub N N 66  
ASP CG  OD2  sing N N 67  
ASP OD2 HD2  sing N N 68  
ASP OXT HXT  sing N N 69  
CYS N   CA   sing N N 70  
CYS N   H    sing N N 71  
CYS N   H2   sing N N 72  
CYS CA  C    sing N N 73  
CYS CA  CB   sing N N 74  
CYS CA  HA   sing N N 75  
CYS C   O    doub N N 76  
CYS C   OXT  sing N N 77  
CYS CB  SG   sing N N 78  
CYS CB  HB2  sing N N 79  
CYS CB  HB3  sing N N 80  
CYS SG  HG   sing N N 81  
CYS OXT HXT  sing N N 82  
GLN N   CA   sing N N 83  
GLN N   H    sing N N 84  
GLN N   H2   sing N N 85  
GLN CA  C    sing N N 86  
GLN CA  CB   sing N N 87  
GLN CA  HA   sing N N 88  
GLN C   O    doub N N 89  
GLN C   OXT  sing N N 90  
GLN CB  CG   sing N N 91  
GLN CB  HB2  sing N N 92  
GLN CB  HB3  sing N N 93  
GLN CG  CD   sing N N 94  
GLN CG  HG2  sing N N 95  
GLN CG  HG3  sing N N 96  
GLN CD  OE1  doub N N 97  
GLN CD  NE2  sing N N 98  
GLN NE2 HE21 sing N N 99  
GLN NE2 HE22 sing N N 100 
GLN OXT HXT  sing N N 101 
GLU N   CA   sing N N 102 
GLU N   H    sing N N 103 
GLU N   H2   sing N N 104 
GLU CA  C    sing N N 105 
GLU CA  CB   sing N N 106 
GLU CA  HA   sing N N 107 
GLU C   O    doub N N 108 
GLU C   OXT  sing N N 109 
GLU CB  CG   sing N N 110 
GLU CB  HB2  sing N N 111 
GLU CB  HB3  sing N N 112 
GLU CG  CD   sing N N 113 
GLU CG  HG2  sing N N 114 
GLU CG  HG3  sing N N 115 
GLU CD  OE1  doub N N 116 
GLU CD  OE2  sing N N 117 
GLU OE2 HE2  sing N N 118 
GLU OXT HXT  sing N N 119 
GLY N   CA   sing N N 120 
GLY N   H    sing N N 121 
GLY N   H2   sing N N 122 
GLY CA  C    sing N N 123 
GLY CA  HA2  sing N N 124 
GLY CA  HA3  sing N N 125 
GLY C   O    doub N N 126 
GLY C   OXT  sing N N 127 
GLY OXT HXT  sing N N 128 
HOH O   H1   sing N N 129 
HOH O   H2   sing N N 130 
ILE N   CA   sing N N 131 
ILE N   H    sing N N 132 
ILE N   H2   sing N N 133 
ILE CA  C    sing N N 134 
ILE CA  CB   sing N N 135 
ILE CA  HA   sing N N 136 
ILE C   O    doub N N 137 
ILE C   OXT  sing N N 138 
ILE CB  CG1  sing N N 139 
ILE CB  CG2  sing N N 140 
ILE CB  HB   sing N N 141 
ILE CG1 CD1  sing N N 142 
ILE CG1 HG12 sing N N 143 
ILE CG1 HG13 sing N N 144 
ILE CG2 HG21 sing N N 145 
ILE CG2 HG22 sing N N 146 
ILE CG2 HG23 sing N N 147 
ILE CD1 HD11 sing N N 148 
ILE CD1 HD12 sing N N 149 
ILE CD1 HD13 sing N N 150 
ILE OXT HXT  sing N N 151 
LEU N   CA   sing N N 152 
LEU N   H    sing N N 153 
LEU N   H2   sing N N 154 
LEU CA  C    sing N N 155 
LEU CA  CB   sing N N 156 
LEU CA  HA   sing N N 157 
LEU C   O    doub N N 158 
LEU C   OXT  sing N N 159 
LEU CB  CG   sing N N 160 
LEU CB  HB2  sing N N 161 
LEU CB  HB3  sing N N 162 
LEU CG  CD1  sing N N 163 
LEU CG  CD2  sing N N 164 
LEU CG  HG   sing N N 165 
LEU CD1 HD11 sing N N 166 
LEU CD1 HD12 sing N N 167 
LEU CD1 HD13 sing N N 168 
LEU CD2 HD21 sing N N 169 
LEU CD2 HD22 sing N N 170 
LEU CD2 HD23 sing N N 171 
LEU OXT HXT  sing N N 172 
LYS N   CA   sing N N 173 
LYS N   H    sing N N 174 
LYS N   H2   sing N N 175 
LYS CA  C    sing N N 176 
LYS CA  CB   sing N N 177 
LYS CA  HA   sing N N 178 
LYS C   O    doub N N 179 
LYS C   OXT  sing N N 180 
LYS CB  CG   sing N N 181 
LYS CB  HB2  sing N N 182 
LYS CB  HB3  sing N N 183 
LYS CG  CD   sing N N 184 
LYS CG  HG2  sing N N 185 
LYS CG  HG3  sing N N 186 
LYS CD  CE   sing N N 187 
LYS CD  HD2  sing N N 188 
LYS CD  HD3  sing N N 189 
LYS CE  NZ   sing N N 190 
LYS CE  HE2  sing N N 191 
LYS CE  HE3  sing N N 192 
LYS NZ  HZ1  sing N N 193 
LYS NZ  HZ2  sing N N 194 
LYS NZ  HZ3  sing N N 195 
LYS OXT HXT  sing N N 196 
PHE N   CA   sing N N 197 
PHE N   H    sing N N 198 
PHE N   H2   sing N N 199 
PHE CA  C    sing N N 200 
PHE CA  CB   sing N N 201 
PHE CA  HA   sing N N 202 
PHE C   O    doub N N 203 
PHE C   OXT  sing N N 204 
PHE CB  CG   sing N N 205 
PHE CB  HB2  sing N N 206 
PHE CB  HB3  sing N N 207 
PHE CG  CD1  doub Y N 208 
PHE CG  CD2  sing Y N 209 
PHE CD1 CE1  sing Y N 210 
PHE CD1 HD1  sing N N 211 
PHE CD2 CE2  doub Y N 212 
PHE CD2 HD2  sing N N 213 
PHE CE1 CZ   doub Y N 214 
PHE CE1 HE1  sing N N 215 
PHE CE2 CZ   sing Y N 216 
PHE CE2 HE2  sing N N 217 
PHE CZ  HZ   sing N N 218 
PHE OXT HXT  sing N N 219 
PRO N   CA   sing N N 220 
PRO N   CD   sing N N 221 
PRO N   H    sing N N 222 
PRO CA  C    sing N N 223 
PRO CA  CB   sing N N 224 
PRO CA  HA   sing N N 225 
PRO C   O    doub N N 226 
PRO C   OXT  sing N N 227 
PRO CB  CG   sing N N 228 
PRO CB  HB2  sing N N 229 
PRO CB  HB3  sing N N 230 
PRO CG  CD   sing N N 231 
PRO CG  HG2  sing N N 232 
PRO CG  HG3  sing N N 233 
PRO CD  HD2  sing N N 234 
PRO CD  HD3  sing N N 235 
PRO OXT HXT  sing N N 236 
SER N   CA   sing N N 237 
SER N   H    sing N N 238 
SER N   H2   sing N N 239 
SER CA  C    sing N N 240 
SER CA  CB   sing N N 241 
SER CA  HA   sing N N 242 
SER C   O    doub N N 243 
SER C   OXT  sing N N 244 
SER CB  OG   sing N N 245 
SER CB  HB2  sing N N 246 
SER CB  HB3  sing N N 247 
SER OG  HG   sing N N 248 
SER OXT HXT  sing N N 249 
THR N   CA   sing N N 250 
THR N   H    sing N N 251 
THR N   H2   sing N N 252 
THR CA  C    sing N N 253 
THR CA  CB   sing N N 254 
THR CA  HA   sing N N 255 
THR C   O    doub N N 256 
THR C   OXT  sing N N 257 
THR CB  OG1  sing N N 258 
THR CB  CG2  sing N N 259 
THR CB  HB   sing N N 260 
THR OG1 HG1  sing N N 261 
THR CG2 HG21 sing N N 262 
THR CG2 HG22 sing N N 263 
THR CG2 HG23 sing N N 264 
THR OXT HXT  sing N N 265 
TYR N   CA   sing N N 266 
TYR N   H    sing N N 267 
TYR N   H2   sing N N 268 
TYR CA  C    sing N N 269 
TYR CA  CB   sing N N 270 
TYR CA  HA   sing N N 271 
TYR C   O    doub N N 272 
TYR C   OXT  sing N N 273 
TYR CB  CG   sing N N 274 
TYR CB  HB2  sing N N 275 
TYR CB  HB3  sing N N 276 
TYR CG  CD1  doub Y N 277 
TYR CG  CD2  sing Y N 278 
TYR CD1 CE1  sing Y N 279 
TYR CD1 HD1  sing N N 280 
TYR CD2 CE2  doub Y N 281 
TYR CD2 HD2  sing N N 282 
TYR CE1 CZ   doub Y N 283 
TYR CE1 HE1  sing N N 284 
TYR CE2 CZ   sing Y N 285 
TYR CE2 HE2  sing N N 286 
TYR CZ  OH   sing N N 287 
TYR OH  HH   sing N N 288 
TYR OXT HXT  sing N N 289 
VAL N   CA   sing N N 290 
VAL N   H    sing N N 291 
VAL N   H2   sing N N 292 
VAL CA  C    sing N N 293 
VAL CA  CB   sing N N 294 
VAL CA  HA   sing N N 295 
VAL C   O    doub N N 296 
VAL C   OXT  sing N N 297 
VAL CB  CG1  sing N N 298 
VAL CB  CG2  sing N N 299 
VAL CB  HB   sing N N 300 
VAL CG1 HG11 sing N N 301 
VAL CG1 HG12 sing N N 302 
VAL CG1 HG13 sing N N 303 
VAL CG2 HG21 sing N N 304 
VAL CG2 HG22 sing N N 305 
VAL CG2 HG23 sing N N 306 
VAL OXT HXT  sing N N 307 
# 
_atom_sites.entry_id                    1KWI 
_atom_sites.fract_transf_matrix[1][1]   -0.01580124 
_atom_sites.fract_transf_matrix[1][2]   -0.01598367 
_atom_sites.fract_transf_matrix[1][3]   -0.00053286 
_atom_sites.fract_transf_matrix[2][1]   -0.01134568 
_atom_sites.fract_transf_matrix[2][2]   -0.00396152 
_atom_sites.fract_transf_matrix[2][3]   -0.01900058 
_atom_sites.fract_transf_matrix[3][1]   0.00515434 
_atom_sites.fract_transf_matrix[3][2]   -0.00502785 
_atom_sites.fract_transf_matrix[3][3]   -0.00202949 
_atom_sites.fract_transf_vector[1]      0.437678 
_atom_sites.fract_transf_vector[2]      0.307883 
_atom_sites.fract_transf_vector[3]      0.028753 
# 
loop_
_atom_type.symbol 
C 
N 
O 
S 
# 
loop_
_atom_site.group_PDB 
_atom_site.id 
_atom_site.type_symbol 
_atom_site.label_atom_id 
_atom_site.label_alt_id 
_atom_site.label_comp_id 
_atom_site.label_asym_id 
_atom_site.label_entity_id 
_atom_site.label_seq_id 
_atom_site.pdbx_PDB_ins_code 
_atom_site.Cartn_x 
_atom_site.Cartn_y 
_atom_site.Cartn_z 
_atom_site.occupancy 
_atom_site.B_iso_or_equiv 
_atom_site.pdbx_formal_charge 
_atom_site.auth_seq_id 
_atom_site.auth_comp_id 
_atom_site.auth_asym_id 
_atom_site.auth_atom_id 
_atom_site.pdbx_PDB_model_num 
ATOM   1   N N   . ALA A 1 2  ? -9.846  -3.214  -14.945 1.00 47.31 ? 31  ALA A N   1 
ATOM   2   C CA  . ALA A 1 2  ? -10.065 -3.777  -13.578 1.00 48.85 ? 31  ALA A CA  1 
ATOM   3   C C   . ALA A 1 2  ? -8.741  -4.345  -13.090 1.00 48.82 ? 31  ALA A C   1 
ATOM   4   O O   . ALA A 1 2  ? -8.175  -3.866  -12.112 1.00 50.38 ? 31  ALA A O   1 
ATOM   5   C CB  . ALA A 1 2  ? -11.129 -4.880  -13.607 1.00 49.60 ? 31  ALA A CB  1 
ATOM   6   N N   . LEU A 1 3  ? -8.240  -5.355  -13.791 1.00 47.68 ? 32  LEU A N   1 
ATOM   7   C CA  . LEU A 1 3  ? -6.961  -5.980  -13.449 1.00 45.87 ? 32  LEU A CA  1 
ATOM   8   C C   . LEU A 1 3  ? -5.799  -4.961  -13.387 1.00 43.01 ? 32  LEU A C   1 
ATOM   9   O O   . LEU A 1 3  ? -4.974  -4.966  -12.474 1.00 42.93 ? 32  LEU A O   1 
ATOM   10  C CB  . LEU A 1 3  ? -6.648  -7.072  -14.486 1.00 46.74 ? 32  LEU A CB  1 
ATOM   11  C CG  . LEU A 1 3  ? -5.299  -7.809  -14.403 1.00 48.83 ? 32  LEU A CG  1 
ATOM   12  C CD1 . LEU A 1 3  ? -5.084  -8.269  -12.971 1.00 49.89 ? 32  LEU A CD1 1 
ATOM   13  C CD2 . LEU A 1 3  ? -5.276  -9.002  -15.370 1.00 48.65 ? 32  LEU A CD2 1 
ATOM   14  N N   . SER A 1 4  ? -5.735  -4.093  -14.377 1.00 40.90 ? 33  SER A N   1 
ATOM   15  C CA  . SER A 1 4  ? -4.685  -3.098  -14.428 1.00 39.59 ? 33  SER A CA  1 
ATOM   16  C C   . SER A 1 4  ? -4.898  -2.213  -13.209 1.00 36.83 ? 33  SER A C   1 
ATOM   17  O O   . SER A 1 4  ? -3.954  -1.742  -12.595 1.00 37.34 ? 33  SER A O   1 
ATOM   18  C CB  . SER A 1 4  ? -4.808  -2.295  -15.741 1.00 40.48 ? 33  SER A CB  1 
ATOM   19  O OG  . SER A 1 4  ? -3.964  -1.157  -15.749 1.00 43.03 ? 33  SER A OG  1 
ATOM   20  N N   . TYR A 1 5  ? -6.160  -2.016  -12.859 1.00 35.93 ? 34  TYR A N   1 
ATOM   21  C CA  . TYR A 1 5  ? -6.514  -1.183  -11.727 1.00 34.57 ? 34  TYR A CA  1 
ATOM   22  C C   . TYR A 1 5  ? -5.938  -1.769  -10.448 1.00 34.15 ? 34  TYR A C   1 
ATOM   23  O O   . TYR A 1 5  ? -5.192  -1.091  -9.722  1.00 32.72 ? 34  TYR A O   1 
ATOM   24  C CB  . TYR A 1 5  ? -8.033  -1.069  -11.628 1.00 35.88 ? 34  TYR A CB  1 
ATOM   25  C CG  . TYR A 1 5  ? -8.502  -0.163  -10.513 1.00 35.38 ? 34  TYR A CG  1 
ATOM   26  C CD1 . TYR A 1 5  ? -8.438  1.222   -10.646 1.00 36.12 ? 34  TYR A CD1 1 
ATOM   27  C CD2 . TYR A 1 5  ? -8.987  -0.699  -9.318  1.00 35.47 ? 34  TYR A CD2 1 
ATOM   28  C CE1 . TYR A 1 5  ? -8.850  2.064   -9.613  1.00 38.04 ? 34  TYR A CE1 1 
ATOM   29  C CE2 . TYR A 1 5  ? -9.402  0.123   -8.275  1.00 37.01 ? 34  TYR A CE2 1 
ATOM   30  C CZ  . TYR A 1 5  ? -9.337  1.507   -8.428  1.00 38.69 ? 34  TYR A CZ  1 
ATOM   31  O OH  . TYR A 1 5  ? -9.813  2.331   -7.437  1.00 39.91 ? 34  TYR A OH  1 
ATOM   32  N N   . ARG A 1 6  ? -6.280  -3.033  -10.192 1.00 32.75 ? 35  ARG A N   1 
ATOM   33  C CA  . ARG A 1 6  ? -5.790  -3.747  -9.014  1.00 33.15 ? 35  ARG A CA  1 
ATOM   34  C C   . ARG A 1 6  ? -4.275  -3.712  -9.008  1.00 31.02 ? 35  ARG A C   1 
ATOM   35  O O   . ARG A 1 6  ? -3.670  -3.502  -7.974  1.00 29.11 ? 35  ARG A O   1 
ATOM   36  C CB  . ARG A 1 6  ? -6.188  -5.226  -9.027  1.00 36.08 ? 35  ARG A CB  1 
ATOM   37  C CG  . ARG A 1 6  ? -7.605  -5.558  -8.664  1.00 41.58 ? 35  ARG A CG  1 
ATOM   38  C CD  . ARG A 1 6  ? -7.727  -7.084  -8.539  1.00 45.80 ? 35  ARG A CD  1 
ATOM   39  N NE  . ARG A 1 6  ? -7.275  -7.793  -9.748  1.00 48.72 ? 35  ARG A NE  1 
ATOM   40  C CZ  . ARG A 1 6  ? -8.071  -8.114  -10.770 1.00 50.29 ? 35  ARG A CZ  1 
ATOM   41  N NH1 . ARG A 1 6  ? -9.359  -7.802  -10.735 1.00 49.56 ? 35  ARG A NH1 1 
ATOM   42  N NH2 . ARG A 1 6  ? -7.583  -8.732  -11.841 1.00 50.06 ? 35  ARG A NH2 1 
ATOM   43  N N   . GLU A 1 7  ? -3.657  -3.924  -10.164 1.00 30.34 ? 36  GLU A N   1 
ATOM   44  C CA  . GLU A 1 7  ? -2.202  -3.929  -10.205 1.00 30.01 ? 36  GLU A CA  1 
ATOM   45  C C   . GLU A 1 7  ? -1.584  -2.591  -9.880  1.00 30.05 ? 36  GLU A C   1 
ATOM   46  O O   . GLU A 1 7  ? -0.532  -2.532  -9.218  1.00 28.47 ? 36  GLU A O   1 
ATOM   47  C CB  . GLU A 1 7  ? -1.719  -4.424  -11.564 1.00 33.41 ? 36  GLU A CB  1 
ATOM   48  C CG  . GLU A 1 7  ? -1.756  -5.947  -11.653 1.00 36.41 ? 36  GLU A CG  1 
ATOM   49  C CD  . GLU A 1 7  ? -1.969  -6.440  -13.067 1.00 40.44 ? 36  GLU A CD  1 
ATOM   50  O OE1 . GLU A 1 7  ? -1.731  -5.653  -14.017 1.00 41.00 ? 36  GLU A OE1 1 
ATOM   51  O OE2 . GLU A 1 7  ? -2.360  -7.625  -13.228 1.00 41.90 ? 36  GLU A OE2 1 
ATOM   52  N N   . ALA A 1 8  ? -2.237  -1.515  -10.317 1.00 28.53 ? 37  ALA A N   1 
ATOM   53  C CA  . ALA A 1 8  ? -1.714  -0.178  -10.037 1.00 28.71 ? 37  ALA A CA  1 
ATOM   54  C C   . ALA A 1 8  ? -1.788  0.094   -8.534  1.00 26.05 ? 37  ALA A C   1 
ATOM   55  O O   . ALA A 1 8  ? -0.948  0.791   -7.971  1.00 28.29 ? 37  ALA A O   1 
ATOM   56  C CB  . ALA A 1 8  ? -2.503  0.905   -10.850 1.00 28.04 ? 37  ALA A CB  1 
ATOM   57  N N   . VAL A 1 9  ? -2.789  -0.458  -7.872  1.00 25.42 ? 38  VAL A N   1 
ATOM   58  C CA  . VAL A 1 9  ? -2.905  -0.279  -6.418  1.00 25.82 ? 38  VAL A CA  1 
ATOM   59  C C   . VAL A 1 9  ? -1.761  -1.030  -5.715  1.00 25.77 ? 38  VAL A C   1 
ATOM   60  O O   . VAL A 1 9  ? -1.076  -0.493  -4.841  1.00 26.86 ? 38  VAL A O   1 
ATOM   61  C CB  . VAL A 1 9  ? -4.285  -0.766  -5.924  1.00 23.97 ? 38  VAL A CB  1 
ATOM   62  C CG1 . VAL A 1 9  ? -4.282  -0.977  -4.416  1.00 21.95 ? 38  VAL A CG1 1 
ATOM   63  C CG2 . VAL A 1 9  ? -5.333  0.274   -6.296  1.00 23.97 ? 38  VAL A CG2 1 
ATOM   64  N N   . LEU A 1 10 ? -1.516  -2.262  -6.128  1.00 28.18 ? 39  LEU A N   1 
ATOM   65  C CA  . LEU A 1 10 ? -0.425  -3.011  -5.521  1.00 28.57 ? 39  LEU A CA  1 
ATOM   66  C C   . LEU A 1 10 ? 0.871   -2.241  -5.761  1.00 29.45 ? 39  LEU A C   1 
ATOM   67  O O   . LEU A 1 10 ? 1.754   -2.142  -4.886  1.00 29.01 ? 39  LEU A O   1 
ATOM   68  C CB  . LEU A 1 10 ? -0.327  -4.408  -6.132  1.00 26.13 ? 39  LEU A CB  1 
ATOM   69  C CG  . LEU A 1 10 ? -1.564  -5.290  -5.905  1.00 30.31 ? 39  LEU A CG  1 
ATOM   70  C CD1 . LEU A 1 10 ? -1.196  -6.719  -6.230  1.00 31.31 ? 39  LEU A CD1 1 
ATOM   71  C CD2 . LEU A 1 10 ? -2.023  -5.250  -4.449  1.00 33.74 ? 39  LEU A CD2 1 
ATOM   72  N N   . ARG A 1 11 ? 0.984   -1.684  -6.956  1.00 29.49 ? 40  ARG A N   1 
ATOM   73  C CA  . ARG A 1 11 ? 2.170   -0.936  -7.315  1.00 30.81 ? 40  ARG A CA  1 
ATOM   74  C C   . ARG A 1 11 ? 2.281   0.272   -6.392  1.00 30.29 ? 40  ARG A C   1 
ATOM   75  O O   . ARG A 1 11 ? 3.377   0.633   -5.960  1.00 30.13 ? 40  ARG A O   1 
ATOM   76  C CB  . ARG A 1 11 ? 2.062   -0.485  -8.776  1.00 35.21 ? 40  ARG A CB  1 
ATOM   77  C CG  . ARG A 1 11 ? 3.320   0.118   -9.401  1.00 40.12 ? 40  ARG A CG  1 
ATOM   78  C CD  . ARG A 1 11 ? 2.991   0.516   -10.856 1.00 47.02 ? 40  ARG A CD  1 
ATOM   79  N NE  . ARG A 1 11 ? 1.931   -0.357  -11.399 1.00 52.14 ? 40  ARG A NE  1 
ATOM   80  C CZ  . ARG A 1 11 ? 1.242   -0.135  -12.522 1.00 53.13 ? 40  ARG A CZ  1 
ATOM   81  N NH1 . ARG A 1 11 ? 1.487   0.947   -13.256 1.00 53.87 ? 40  ARG A NH1 1 
ATOM   82  N NH2 . ARG A 1 11 ? 0.294   -0.995  -12.905 1.00 51.70 ? 40  ARG A NH2 1 
ATOM   83  N N   . ALA A 1 12 ? 1.150   0.921   -6.116  1.00 29.56 ? 41  ALA A N   1 
ATOM   84  C CA  . ALA A 1 12 ? 1.176   2.072   -5.219  1.00 29.28 ? 41  ALA A CA  1 
ATOM   85  C C   . ALA A 1 12 ? 1.689   1.609   -3.834  1.00 28.96 ? 41  ALA A C   1 
ATOM   86  O O   . ALA A 1 12 ? 2.569   2.246   -3.242  1.00 28.20 ? 41  ALA A O   1 
ATOM   87  C CB  . ALA A 1 12 ? -0.216  2.688   -5.094  1.00 27.22 ? 41  ALA A CB  1 
ATOM   88  N N   . VAL A 1 13 ? 1.142   0.502   -3.333  1.00 27.16 ? 42  VAL A N   1 
ATOM   89  C CA  . VAL A 1 13 ? 1.575   -0.032  -2.037  1.00 25.82 ? 42  VAL A CA  1 
ATOM   90  C C   . VAL A 1 13 ? 3.113   -0.159  -2.038  1.00 26.33 ? 42  VAL A C   1 
ATOM   91  O O   . VAL A 1 13 ? 3.781   0.280   -1.092  1.00 26.12 ? 42  VAL A O   1 
ATOM   92  C CB  . VAL A 1 13 ? 0.879   -1.383  -1.762  1.00 25.37 ? 42  VAL A CB  1 
ATOM   93  C CG1 . VAL A 1 13 ? 1.407   -2.056  -0.449  1.00 25.04 ? 42  VAL A CG1 1 
ATOM   94  C CG2 . VAL A 1 13 ? -0.602  -1.121  -1.596  1.00 25.49 ? 42  VAL A CG2 1 
ATOM   95  N N   . ASP A 1 14 ? 3.675   -0.725  -3.101  1.00 27.06 ? 43  ASP A N   1 
ATOM   96  C CA  . ASP A 1 14 ? 5.132   -0.834  -3.209  1.00 31.01 ? 43  ASP A CA  1 
ATOM   97  C C   . ASP A 1 14 ? 5.811   0.535   -3.092  1.00 32.14 ? 43  ASP A C   1 
ATOM   98  O O   . ASP A 1 14 ? 6.809   0.665   -2.405  1.00 31.86 ? 43  ASP A O   1 
ATOM   99  C CB  . ASP A 1 14 ? 5.550   -1.429  -4.542  1.00 32.72 ? 43  ASP A CB  1 
ATOM   100 C CG  . ASP A 1 14 ? 5.380   -2.914  -4.586  1.00 36.94 ? 43  ASP A CG  1 
ATOM   101 O OD1 . ASP A 1 14 ? 5.730   -3.560  -3.578  1.00 39.33 ? 43  ASP A OD1 1 
ATOM   102 O OD2 . ASP A 1 14 ? 4.917   -3.435  -5.634  1.00 40.11 ? 43  ASP A OD2 1 
ATOM   103 N N   . ARG A 1 15 ? 5.271   1.539   -3.780  1.00 32.76 ? 44  ARG A N   1 
ATOM   104 C CA  . ARG A 1 15 ? 5.840   2.887   -3.734  1.00 33.80 ? 44  ARG A CA  1 
ATOM   105 C C   . ARG A 1 15 ? 5.698   3.483   -2.345  1.00 31.99 ? 44  ARG A C   1 
ATOM   106 O O   . ARG A 1 15 ? 6.614   4.102   -1.837  1.00 32.56 ? 44  ARG A O   1 
ATOM   107 C CB  . ARG A 1 15 ? 5.163   3.798   -4.782  1.00 37.26 ? 44  ARG A CB  1 
ATOM   108 C CG  . ARG A 1 15 ? 5.433   3.375   -6.210  1.00 40.06 ? 44  ARG A CG  1 
ATOM   109 C CD  . ARG A 1 15 ? 4.611   4.166   -7.250  1.00 43.41 ? 44  ARG A CD  1 
ATOM   110 N NE  . ARG A 1 15 ? 5.139   5.514   -7.507  1.00 47.07 ? 44  ARG A NE  1 
ATOM   111 C CZ  . ARG A 1 15 ? 4.803   6.266   -8.558  1.00 47.88 ? 44  ARG A CZ  1 
ATOM   112 N NH1 . ARG A 1 15 ? 3.937   5.807   -9.454  1.00 48.84 ? 44  ARG A NH1 1 
ATOM   113 N NH2 . ARG A 1 15 ? 5.345   7.472   -8.721  1.00 48.11 ? 44  ARG A NH2 1 
ATOM   114 N N   . LEU A 1 16 ? 4.550   3.315   -1.717  1.00 31.52 ? 45  LEU A N   1 
ATOM   115 C CA  . LEU A 1 16 ? 4.436   3.837   -0.377  1.00 31.81 ? 45  LEU A CA  1 
ATOM   116 C C   . LEU A 1 16 ? 5.541   3.202   0.469   1.00 31.32 ? 45  LEU A C   1 
ATOM   117 O O   . LEU A 1 16 ? 6.199   3.879   1.264   1.00 31.09 ? 45  LEU A O   1 
ATOM   118 C CB  . LEU A 1 16 ? 3.068   3.519   0.196   1.00 30.40 ? 45  LEU A CB  1 
ATOM   119 C CG  . LEU A 1 16 ? 2.013   4.257   -0.641  1.00 33.57 ? 45  LEU A CG  1 
ATOM   120 C CD1 . LEU A 1 16 ? 0.663   3.608   -0.448  1.00 32.62 ? 45  LEU A CD1 1 
ATOM   121 C CD2 . LEU A 1 16 ? 1.956   5.720   -0.259  1.00 33.45 ? 45  LEU A CD2 1 
ATOM   122 N N   . ASN A 1 17 ? 5.757   1.906   0.296   1.00 30.81 ? 46  ASN A N   1 
ATOM   123 C CA  . ASN A 1 17 ? 6.791   1.256   1.073   1.00 31.93 ? 46  ASN A CA  1 
ATOM   124 C C   . ASN A 1 17 ? 8.152   1.823   0.696   1.00 34.77 ? 46  ASN A C   1 
ATOM   125 O O   . ASN A 1 17 ? 9.013   2.006   1.549   1.00 34.68 ? 46  ASN A O   1 
ATOM   126 C CB  . ASN A 1 17 ? 6.790   -0.272  0.872   1.00 28.76 ? 46  ASN A CB  1 
ATOM   127 C CG  . ASN A 1 17 ? 5.738   -0.984  1.744   1.00 28.06 ? 46  ASN A CG  1 
ATOM   128 O OD1 . ASN A 1 17 ? 5.462   -0.572  2.872   1.00 25.36 ? 46  ASN A OD1 1 
ATOM   129 N ND2 . ASN A 1 17 ? 5.167   -2.062  1.223   1.00 24.60 ? 46  ASN A ND2 1 
ATOM   130 N N   . GLU A 1 18 ? 8.348   2.099   -0.586  1.00 37.14 ? 47  GLU A N   1 
ATOM   131 C CA  . GLU A 1 18 ? 9.625   2.630   -1.026  1.00 41.60 ? 47  GLU A CA  1 
ATOM   132 C C   . GLU A 1 18 ? 9.888   4.019   -0.418  1.00 43.04 ? 47  GLU A C   1 
ATOM   133 O O   . GLU A 1 18 ? 10.981  4.293   0.056   1.00 42.92 ? 47  GLU A O   1 
ATOM   134 C CB  . GLU A 1 18 ? 9.680   2.664   -2.556  1.00 43.51 ? 47  GLU A CB  1 
ATOM   135 C CG  . GLU A 1 18 ? 11.015  2.163   -3.131  1.00 49.64 ? 47  GLU A CG  1 
ATOM   136 C CD  . GLU A 1 18 ? 11.235  0.663   -2.902  1.00 53.69 ? 47  GLU A CD  1 
ATOM   137 O OE1 . GLU A 1 18 ? 10.472  -0.145  -3.489  1.00 56.95 ? 47  GLU A OE1 1 
ATOM   138 O OE2 . GLU A 1 18 ? 12.161  0.281   -2.137  1.00 55.10 ? 47  GLU A OE2 1 
ATOM   139 N N   . GLN A 1 19 ? 8.874   4.878   -0.380  1.00 45.88 ? 48  GLN A N   1 
ATOM   140 C CA  . GLN A 1 19 ? 9.034   6.221   0.186   1.00 47.76 ? 48  GLN A CA  1 
ATOM   141 C C   . GLN A 1 19 ? 8.971   6.259   1.712   1.00 47.35 ? 48  GLN A C   1 
ATOM   142 O O   . GLN A 1 19 ? 9.425   7.212   2.335   1.00 47.27 ? 48  GLN A O   1 
ATOM   143 C CB  . GLN A 1 19 ? 7.971   7.164   -0.389  1.00 49.93 ? 48  GLN A CB  1 
ATOM   144 C CG  . GLN A 1 19 ? 6.572   6.588   -0.338  1.00 55.47 ? 48  GLN A CG  1 
ATOM   145 C CD  . GLN A 1 19 ? 5.691   7.214   0.725   1.00 57.97 ? 48  GLN A CD  1 
ATOM   146 O OE1 . GLN A 1 19 ? 5.298   8.389   0.618   1.00 59.78 ? 48  GLN A OE1 1 
ATOM   147 N NE2 . GLN A 1 19 ? 5.357   6.427   1.755   1.00 58.27 ? 48  GLN A NE2 1 
ATOM   148 N N   . SER A 1 20 ? 8.410   5.224   2.312   1.00 46.83 ? 49  SER A N   1 
ATOM   149 C CA  . SER A 1 20 ? 8.277   5.155   3.761   1.00 46.46 ? 49  SER A CA  1 
ATOM   150 C C   . SER A 1 20 ? 9.569   5.295   4.570   1.00 47.54 ? 49  SER A C   1 
ATOM   151 O O   . SER A 1 20 ? 10.661  5.121   4.051   1.00 47.75 ? 49  SER A O   1 
ATOM   152 C CB  . SER A 1 20 ? 7.622   3.836   4.136   1.00 46.04 ? 49  SER A CB  1 
ATOM   153 O OG  . SER A 1 20 ? 7.790   3.577   5.504   1.00 46.52 ? 49  SER A OG  1 
ATOM   154 N N   . SER A 1 21 ? 9.416   5.598   5.860   1.00 48.25 ? 50  SER A N   1 
ATOM   155 C CA  . SER A 1 21 ? 10.538  5.725   6.787   1.00 49.02 ? 50  SER A CA  1 
ATOM   156 C C   . SER A 1 21 ? 10.303  4.770   7.958   1.00 47.76 ? 50  SER A C   1 
ATOM   157 O O   . SER A 1 21 ? 11.081  4.713   8.912   1.00 46.60 ? 50  SER A O   1 
ATOM   158 C CB  . SER A 1 21 ? 10.643  7.149   7.323   1.00 51.30 ? 50  SER A CB  1 
ATOM   159 O OG  . SER A 1 21 ? 11.659  7.222   8.316   1.00 54.64 ? 50  SER A OG  1 
ATOM   160 N N   . GLU A 1 22 ? 9.216   4.013   7.867   1.00 45.49 ? 51  GLU A N   1 
ATOM   161 C CA  . GLU A 1 22 ? 8.876   3.069   8.916   1.00 43.11 ? 51  GLU A CA  1 
ATOM   162 C C   . GLU A 1 22 ? 9.780   1.837   8.918   1.00 40.73 ? 51  GLU A C   1 
ATOM   163 O O   . GLU A 1 22 ? 10.482  1.548   7.942   1.00 39.00 ? 51  GLU A O   1 
ATOM   164 C CB  . GLU A 1 22 ? 7.405   2.663   8.781   1.00 43.77 ? 51  GLU A CB  1 
ATOM   165 C CG  . GLU A 1 22 ? 6.454   3.844   8.937   1.00 41.01 ? 51  GLU A CG  1 
ATOM   166 C CD  . GLU A 1 22 ? 5.152   3.453   9.587   1.00 40.51 ? 51  GLU A CD  1 
ATOM   167 O OE1 . GLU A 1 22 ? 5.122   2.377   10.214  1.00 39.65 ? 51  GLU A OE1 1 
ATOM   168 O OE2 . GLU A 1 22 ? 4.164   4.223   9.485   1.00 41.34 ? 51  GLU A OE2 1 
ATOM   169 N N   . ALA A 1 23 ? 9.755   1.119   10.030  1.00 37.44 ? 52  ALA A N   1 
ATOM   170 C CA  . ALA A 1 23 ? 10.561  -0.069  10.177  1.00 35.31 ? 52  ALA A CA  1 
ATOM   171 C C   . ALA A 1 23 ? 10.116  -1.247  9.311   1.00 33.58 ? 52  ALA A C   1 
ATOM   172 O O   . ALA A 1 23 ? 10.957  -2.010  8.835   1.00 31.74 ? 52  ALA A O   1 
ATOM   173 C CB  . ALA A 1 23 ? 10.566  -0.507  11.652  1.00 36.16 ? 52  ALA A CB  1 
ATOM   174 N N   . ASN A 1 24 ? 8.804   -1.389  9.110   1.00 31.36 ? 53  ASN A N   1 
ATOM   175 C CA  . ASN A 1 24 ? 8.266   -2.537  8.380   1.00 29.68 ? 53  ASN A CA  1 
ATOM   176 C C   . ASN A 1 24 ? 7.465   -2.238  7.111   1.00 28.22 ? 53  ASN A C   1 
ATOM   177 O O   . ASN A 1 24 ? 6.912   -1.150  6.958   1.00 26.52 ? 53  ASN A O   1 
ATOM   178 C CB  . ASN A 1 24 ? 7.371   -3.343  9.319   1.00 25.39 ? 53  ASN A CB  1 
ATOM   179 C CG  . ASN A 1 24 ? 8.095   -3.790  10.585  1.00 30.73 ? 53  ASN A CG  1 
ATOM   180 O OD1 . ASN A 1 24 ? 9.221   -4.248  10.531  1.00 31.27 ? 53  ASN A OD1 1 
ATOM   181 N ND2 . ASN A 1 24 ? 7.427   -3.684  11.730  1.00 29.73 ? 53  ASN A ND2 1 
ATOM   182 N N   . LEU A 1 25 ? 7.401   -3.224  6.219   1.00 25.80 ? 54  LEU A N   1 
ATOM   183 C CA  . LEU A 1 25 ? 6.631   -3.106  4.976   1.00 25.42 ? 54  LEU A CA  1 
ATOM   184 C C   . LEU A 1 25 ? 5.132   -3.174  5.309   1.00 24.02 ? 54  LEU A C   1 
ATOM   185 O O   . LEU A 1 25 ? 4.723   -3.876  6.240   1.00 23.26 ? 54  LEU A O   1 
ATOM   186 C CB  . LEU A 1 25 ? 6.960   -4.273  4.028   1.00 24.35 ? 54  LEU A CB  1 
ATOM   187 C CG  . LEU A 1 25 ? 8.399   -4.391  3.544   1.00 25.62 ? 54  LEU A CG  1 
ATOM   188 C CD1 . LEU A 1 25 ? 8.576   -5.666  2.707   1.00 26.97 ? 54  LEU A CD1 1 
ATOM   189 C CD2 . LEU A 1 25 ? 8.738   -3.139  2.701   1.00 27.71 ? 54  LEU A CD2 1 
ATOM   190 N N   . TYR A 1 26 ? 4.327   -2.405  4.597   1.00 21.41 ? 55  TYR A N   1 
ATOM   191 C CA  . TYR A 1 26 ? 2.896   -2.487  4.785   1.00 23.85 ? 55  TYR A CA  1 
ATOM   192 C C   . TYR A 1 26 ? 2.419   -3.348  3.627   1.00 23.12 ? 55  TYR A C   1 
ATOM   193 O O   . TYR A 1 26 ? 3.082   -3.446  2.597   1.00 21.08 ? 55  TYR A O   1 
ATOM   194 C CB  . TYR A 1 26 ? 2.209   -1.124  4.720   1.00 24.34 ? 55  TYR A CB  1 
ATOM   195 C CG  . TYR A 1 26 ? 2.283   -0.414  6.029   1.00 27.63 ? 55  TYR A CG  1 
ATOM   196 C CD1 . TYR A 1 26 ? 3.478   0.174   6.438   1.00 26.44 ? 55  TYR A CD1 1 
ATOM   197 C CD2 . TYR A 1 26 ? 1.169   -0.355  6.887   1.00 23.89 ? 55  TYR A CD2 1 
ATOM   198 C CE1 . TYR A 1 26 ? 3.580   0.816   7.656   1.00 30.20 ? 55  TYR A CE1 1 
ATOM   199 C CE2 . TYR A 1 26 ? 1.258   0.295   8.112   1.00 28.32 ? 55  TYR A CE2 1 
ATOM   200 C CZ  . TYR A 1 26 ? 2.475   0.879   8.497   1.00 29.59 ? 55  TYR A CZ  1 
ATOM   201 O OH  . TYR A 1 26 ? 2.621   1.509   9.718   1.00 30.65 ? 55  TYR A OH  1 
ATOM   202 N N   . ARG A 1 27 ? 1.252   -3.947  3.808   1.00 22.97 ? 56  ARG A N   1 
ATOM   203 C CA  . ARG A 1 27 ? 0.679   -4.841  2.835   1.00 22.00 ? 56  ARG A CA  1 
ATOM   204 C C   . ARG A 1 27 ? -0.790  -4.487  2.629   1.00 20.71 ? 56  ARG A C   1 
ATOM   205 O O   . ARG A 1 27 ? -1.458  -4.094  3.570   1.00 18.11 ? 56  ARG A O   1 
ATOM   206 C CB  . ARG A 1 27 ? 0.843   -6.258  3.410   1.00 20.79 ? 56  ARG A CB  1 
ATOM   207 C CG  . ARG A 1 27 ? -0.013  -7.307  2.796   1.00 23.29 ? 56  ARG A CG  1 
ATOM   208 C CD  . ARG A 1 27 ? 0.237   -8.664  3.485   1.00 23.97 ? 56  ARG A CD  1 
ATOM   209 N NE  . ARG A 1 27 ? -0.618  -9.618  2.832   1.00 23.69 ? 56  ARG A NE  1 
ATOM   210 C CZ  . ARG A 1 27 ? -0.845  -10.862 3.229   1.00 26.28 ? 56  ARG A CZ  1 
ATOM   211 N NH1 . ARG A 1 27 ? -0.259  -11.368 4.325   1.00 24.40 ? 56  ARG A NH1 1 
ATOM   212 N NH2 . ARG A 1 27 ? -1.724  -11.585 2.532   1.00 22.21 ? 56  ARG A NH2 1 
ATOM   213 N N   . LEU A 1 28 ? -1.294  -4.669  1.413   1.00 19.69 ? 57  LEU A N   1 
ATOM   214 C CA  . LEU A 1 28 ? -2.701  -4.377  1.105   1.00 20.91 ? 57  LEU A CA  1 
ATOM   215 C C   . LEU A 1 28 ? -3.623  -5.164  2.033   1.00 21.69 ? 57  LEU A C   1 
ATOM   216 O O   . LEU A 1 28 ? -3.499  -6.370  2.146   1.00 18.72 ? 57  LEU A O   1 
ATOM   217 C CB  . LEU A 1 28 ? -3.035  -4.762  -0.355  1.00 22.25 ? 57  LEU A CB  1 
ATOM   218 C CG  . LEU A 1 28 ? -4.510  -4.619  -0.782  1.00 25.45 ? 57  LEU A CG  1 
ATOM   219 C CD1 . LEU A 1 28 ? -4.838  -3.144  -0.869  1.00 24.50 ? 57  LEU A CD1 1 
ATOM   220 C CD2 . LEU A 1 28 ? -4.782  -5.300  -2.153  1.00 20.33 ? 57  LEU A CD2 1 
ATOM   221 N N   . LEU A 1 29 ? -4.549  -4.470  2.686   1.00 21.54 ? 58  LEU A N   1 
ATOM   222 C CA  . LEU A 1 29 ? -5.477  -5.125  3.580   1.00 24.96 ? 58  LEU A CA  1 
ATOM   223 C C   . LEU A 1 29 ? -6.886  -5.216  2.960   1.00 25.64 ? 58  LEU A C   1 
ATOM   224 O O   . LEU A 1 29 ? -7.522  -6.268  3.001   1.00 25.29 ? 58  LEU A O   1 
ATOM   225 C CB  . LEU A 1 29 ? -5.584  -4.376  4.921   1.00 22.70 ? 58  LEU A CB  1 
ATOM   226 C CG  . LEU A 1 29 ? -6.536  -5.105  5.884   1.00 23.88 ? 58  LEU A CG  1 
ATOM   227 C CD1 . LEU A 1 29 ? -5.882  -6.382  6.334   1.00 22.20 ? 58  LEU A CD1 1 
ATOM   228 C CD2 . LEU A 1 29 ? -6.888  -4.214  7.088   1.00 23.08 ? 58  LEU A CD2 1 
ATOM   229 N N   . GLU A 1 30 ? -7.361  -4.116  2.386   1.00 29.39 ? 59  GLU A N   1 
ATOM   230 C CA  . GLU A 1 30 ? -8.693  -4.084  1.791   1.00 31.11 ? 59  GLU A CA  1 
ATOM   231 C C   . GLU A 1 30 ? -8.717  -3.026  0.699   1.00 31.30 ? 59  GLU A C   1 
ATOM   232 O O   . GLU A 1 30 ? -8.276  -1.896  0.906   1.00 31.14 ? 59  GLU A O   1 
ATOM   233 C CB  . GLU A 1 30 ? -9.743  -3.759  2.880   1.00 36.01 ? 59  GLU A CB  1 
ATOM   234 C CG  . GLU A 1 30 ? -11.198 -4.085  2.497   1.00 44.71 ? 59  GLU A CG  1 
ATOM   235 C CD  . GLU A 1 30 ? -12.226 -3.732  3.606   1.00 50.93 ? 59  GLU A CD  1 
ATOM   236 O OE1 . GLU A 1 30 ? -11.929 -3.968  4.812   1.00 51.90 ? 59  GLU A OE1 1 
ATOM   237 O OE2 . GLU A 1 30 ? -13.334 -3.230  3.263   1.00 52.87 ? 59  GLU A OE2 1 
ATOM   238 N N   . LEU A 1 31 ? -9.210  -3.408  -0.475  1.00 29.82 ? 60  LEU A N   1 
ATOM   239 C CA  . LEU A 1 31 ? -9.295  -2.508  -1.607  1.00 30.30 ? 60  LEU A CA  1 
ATOM   240 C C   . LEU A 1 31 ? -10.745 -2.100  -1.704  1.00 33.28 ? 60  LEU A C   1 
ATOM   241 O O   . LEU A 1 31 ? -11.608 -2.901  -2.007  1.00 30.54 ? 60  LEU A O   1 
ATOM   242 C CB  . LEU A 1 31 ? -8.852  -3.231  -2.876  1.00 29.94 ? 60  LEU A CB  1 
ATOM   243 C CG  . LEU A 1 31 ? -9.033  -2.459  -4.160  1.00 30.48 ? 60  LEU A CG  1 
ATOM   244 C CD1 . LEU A 1 31 ? -8.344  -1.112  -4.094  1.00 29.84 ? 60  LEU A CD1 1 
ATOM   245 C CD2 . LEU A 1 31 ? -8.455  -3.296  -5.278  1.00 32.91 ? 60  LEU A CD2 1 
ATOM   246 N N   . ASP A 1 32 ? -11.015 -0.839  -1.428  1.00 37.33 ? 61  ASP A N   1 
ATOM   247 C CA  . ASP A 1 32 ? -12.384 -0.363  -1.453  1.00 41.93 ? 61  ASP A CA  1 
ATOM   248 C C   . ASP A 1 32 ? -12.816 0.156   -2.808  1.00 42.55 ? 61  ASP A C   1 
ATOM   249 O O   . ASP A 1 32 ? -12.113 -0.079  -3.815  1.00 43.02 ? 61  ASP A O   1 
ATOM   250 C CB  . ASP A 1 32 ? -12.558 0.707   -0.373  1.00 43.88 ? 61  ASP A CB  1 
ATOM   251 C CG  . ASP A 1 32 ? -12.241 0.165   1.013   1.00 48.35 ? 61  ASP A CG  1 
ATOM   252 O OD1 . ASP A 1 32 ? -12.941 -0.793  1.416   1.00 50.37 ? 61  ASP A OD1 1 
ATOM   253 O OD2 . ASP A 1 32 ? -11.298 0.665   1.692   1.00 50.26 ? 61  ASP A OD2 1 
ATOM   254 N N   . GLY A 1 42 ? -7.304  6.354   -19.382 1.00 49.55 ? 71  GLY A N   1 
ATOM   255 C CA  . GLY A 1 42 ? -6.227  7.411   -19.581 1.00 48.96 ? 71  GLY A CA  1 
ATOM   256 C C   . GLY A 1 42 ? -6.107  8.380   -18.413 1.00 49.72 ? 71  GLY A C   1 
ATOM   257 O O   . GLY A 1 42 ? -5.004  8.653   -17.909 1.00 48.71 ? 71  GLY A O   1 
ATOM   258 N N   . THR A 1 43 ? -7.252  8.921   -17.994 1.00 49.30 ? 72  THR A N   1 
ATOM   259 C CA  . THR A 1 43 ? -7.308  9.851   -16.862 1.00 48.35 ? 72  THR A CA  1 
ATOM   260 C C   . THR A 1 43 ? -7.108  9.082   -15.534 1.00 45.91 ? 72  THR A C   1 
ATOM   261 O O   . THR A 1 43 ? -7.682  8.007   -15.332 1.00 47.09 ? 72  THR A O   1 
ATOM   262 C CB  . THR A 1 43 ? -8.672  10.601  -16.853 1.00 49.18 ? 72  THR A CB  1 
ATOM   263 O OG1 . THR A 1 43 ? -8.968  11.056  -15.523 1.00 53.02 ? 72  THR A OG1 1 
ATOM   264 C CG2 . THR A 1 43 ? -9.791  9.687   -17.344 1.00 50.73 ? 72  THR A CG2 1 
ATOM   265 N N   . PRO A 1 44 ? -6.304  9.630   -14.608 1.00 42.91 ? 73  PRO A N   1 
ATOM   266 C CA  . PRO A 1 44 ? -6.069  8.946   -13.330 1.00 40.83 ? 73  PRO A CA  1 
ATOM   267 C C   . PRO A 1 44 ? -7.367  8.534   -12.644 1.00 40.23 ? 73  PRO A C   1 
ATOM   268 O O   . PRO A 1 44 ? -8.341  9.290   -12.626 1.00 38.18 ? 73  PRO A O   1 
ATOM   269 C CB  . PRO A 1 44 ? -5.276  9.977   -12.528 1.00 39.47 ? 73  PRO A CB  1 
ATOM   270 C CG  . PRO A 1 44 ? -4.518  10.719  -13.588 1.00 40.39 ? 73  PRO A CG  1 
ATOM   271 C CD  . PRO A 1 44 ? -5.591  10.917  -14.648 1.00 41.36 ? 73  PRO A CD  1 
ATOM   272 N N   . LYS A 1 45 ? -7.368  7.329   -12.079 1.00 39.24 ? 74  LYS A N   1 
ATOM   273 C CA  . LYS A 1 45 ? -8.544  6.804   -11.412 1.00 38.58 ? 74  LYS A CA  1 
ATOM   274 C C   . LYS A 1 45 ? -8.438  6.882   -9.879  1.00 37.67 ? 74  LYS A C   1 
ATOM   275 O O   . LYS A 1 45 ? -7.374  6.629   -9.294  1.00 37.10 ? 74  LYS A O   1 
ATOM   276 C CB  . LYS A 1 45 ? -8.787  5.343   -11.855 1.00 40.24 ? 74  LYS A CB  1 
ATOM   277 C CG  . LYS A 1 45 ? -8.684  5.102   -13.386 1.00 42.84 ? 74  LYS A CG  1 
ATOM   278 C CD  . LYS A 1 45 ? -9.682  5.951   -14.188 1.00 45.29 ? 74  LYS A CD  1 
ATOM   279 C CE  . LYS A 1 45 ? -9.500  5.779   -15.713 1.00 49.87 ? 74  LYS A CE  1 
ATOM   280 N NZ  . LYS A 1 45 ? -10.332 6.727   -16.563 1.00 50.16 ? 74  LYS A NZ  1 
ATOM   281 N N   . PRO A 1 46 ? -9.543  7.265   -9.216  1.00 35.55 ? 75  PRO A N   1 
ATOM   282 C CA  . PRO A 1 46 ? -9.633  7.389   -7.761  1.00 34.52 ? 75  PRO A CA  1 
ATOM   283 C C   . PRO A 1 46 ? -9.426  6.018   -7.107  1.00 34.79 ? 75  PRO A C   1 
ATOM   284 O O   . PRO A 1 46 ? -9.839  4.998   -7.651  1.00 33.97 ? 75  PRO A O   1 
ATOM   285 C CB  . PRO A 1 46 ? -11.053 7.900   -7.545  1.00 34.60 ? 75  PRO A CB  1 
ATOM   286 C CG  . PRO A 1 46 ? -11.282 8.750   -8.743  1.00 36.86 ? 75  PRO A CG  1 
ATOM   287 C CD  . PRO A 1 46 ? -10.721 7.878   -9.859  1.00 35.40 ? 75  PRO A CD  1 
ATOM   288 N N   . VAL A 1 47 ? -8.782  6.009   -5.945  1.00 33.38 ? 76  VAL A N   1 
ATOM   289 C CA  . VAL A 1 47 ? -8.533  4.772   -5.208  1.00 32.17 ? 76  VAL A CA  1 
ATOM   290 C C   . VAL A 1 47 ? -8.729  5.016   -3.719  1.00 30.13 ? 76  VAL A C   1 
ATOM   291 O O   . VAL A 1 47 ? -8.564  6.119   -3.218  1.00 27.81 ? 76  VAL A O   1 
ATOM   292 C CB  . VAL A 1 47 ? -7.088  4.221   -5.419  1.00 32.23 ? 76  VAL A CB  1 
ATOM   293 C CG1 . VAL A 1 47 ? -6.906  3.724   -6.868  1.00 28.44 ? 76  VAL A CG1 1 
ATOM   294 C CG2 . VAL A 1 47 ? -6.047  5.318   -5.059  1.00 29.89 ? 76  VAL A CG2 1 
ATOM   295 N N   . SER A 1 48 ? -9.129  3.963   -3.041  1.00 29.41 ? 77  SER A N   1 
ATOM   296 C CA  . SER A 1 48 ? -9.339  3.999   -1.625  1.00 30.40 ? 77  SER A CA  1 
ATOM   297 C C   . SER A 1 48 ? -9.133  2.587   -1.117  1.00 28.53 ? 77  SER A C   1 
ATOM   298 O O   . SER A 1 48 ? -9.903  1.678   -1.457  1.00 28.04 ? 77  SER A O   1 
ATOM   299 C CB  . SER A 1 48 ? -10.750 4.474   -1.298  1.00 31.92 ? 77  SER A CB  1 
ATOM   300 O OG  . SER A 1 48 ? -11.007 4.234   0.078   1.00 36.93 ? 77  SER A OG  1 
ATOM   301 N N   . PHE A 1 49 ? -8.073  2.398   -0.333  1.00 25.89 ? 78  PHE A N   1 
ATOM   302 C CA  . PHE A 1 49 ? -7.771  1.074   0.227   1.00 25.04 ? 78  PHE A CA  1 
ATOM   303 C C   . PHE A 1 49 ? -6.994  1.210   1.553   1.00 25.11 ? 78  PHE A C   1 
ATOM   304 O O   . PHE A 1 49 ? -6.366  2.243   1.839   1.00 24.89 ? 78  PHE A O   1 
ATOM   305 C CB  . PHE A 1 49 ? -6.928  0.273   -0.764  1.00 24.19 ? 78  PHE A CB  1 
ATOM   306 C CG  . PHE A 1 49 ? -5.642  0.938   -1.121  1.00 24.57 ? 78  PHE A CG  1 
ATOM   307 C CD1 . PHE A 1 49 ? -5.603  1.933   -2.072  1.00 25.74 ? 78  PHE A CD1 1 
ATOM   308 C CD2 . PHE A 1 49 ? -4.480  0.644   -0.422  1.00 24.79 ? 78  PHE A CD2 1 
ATOM   309 C CE1 . PHE A 1 49 ? -4.418  2.629   -2.322  1.00 25.38 ? 78  PHE A CE1 1 
ATOM   310 C CE2 . PHE A 1 49 ? -3.310  1.321   -0.651  1.00 22.63 ? 78  PHE A CE2 1 
ATOM   311 C CZ  . PHE A 1 49 ? -3.267  2.320   -1.593  1.00 26.73 ? 78  PHE A CZ  1 
ATOM   312 N N   . THR A 1 50 ? -7.016  0.157   2.343   1.00 23.39 ? 79  THR A N   1 
ATOM   313 C CA  . THR A 1 50 ? -6.308  0.152   3.617   1.00 24.59 ? 79  THR A CA  1 
ATOM   314 C C   . THR A 1 50 ? -5.120  -0.765  3.507   1.00 23.49 ? 79  THR A C   1 
ATOM   315 O O   . THR A 1 50 ? -5.153  -1.756  2.769   1.00 23.33 ? 79  THR A O   1 
ATOM   316 C CB  . THR A 1 50 ? -7.219  -0.381  4.707   1.00 24.35 ? 79  THR A CB  1 
ATOM   317 O OG1 . THR A 1 50 ? -7.759  -1.613  4.252   1.00 26.21 ? 79  THR A OG1 1 
ATOM   318 C CG2 . THR A 1 50 ? -8.392  0.562   4.943   1.00 24.69 ? 79  THR A CG2 1 
ATOM   319 N N   . VAL A 1 51 ? -4.049  -0.401  4.197   1.00 23.40 ? 80  VAL A N   1 
ATOM   320 C CA  . VAL A 1 51 ? -2.848  -1.214  4.232   1.00 22.99 ? 80  VAL A CA  1 
ATOM   321 C C   . VAL A 1 51 ? -2.563  -1.530  5.694   1.00 23.88 ? 80  VAL A C   1 
ATOM   322 O O   . VAL A 1 51 ? -2.977  -0.789  6.602   1.00 23.58 ? 80  VAL A O   1 
ATOM   323 C CB  . VAL A 1 51 ? -1.594  -0.486  3.603   1.00 25.44 ? 80  VAL A CB  1 
ATOM   324 C CG1 . VAL A 1 51 ? -1.750  -0.370  2.106   1.00 23.34 ? 80  VAL A CG1 1 
ATOM   325 C CG2 . VAL A 1 51 ? -1.394  0.891   4.220   1.00 23.64 ? 80  VAL A CG2 1 
ATOM   326 N N   . LYS A 1 52 ? -1.899  -2.647  5.943   1.00 21.90 ? 81  LYS A N   1 
ATOM   327 C CA  . LYS A 1 52 ? -1.574  -2.981  7.315   1.00 21.15 ? 81  LYS A CA  1 
ATOM   328 C C   . LYS A 1 52 ? -0.124  -3.429  7.459   1.00 21.19 ? 81  LYS A C   1 
ATOM   329 O O   . LYS A 1 52 ? 0.470   -4.064  6.564   1.00 18.53 ? 81  LYS A O   1 
ATOM   330 C CB  . LYS A 1 52 ? -2.493  -4.053  7.860   1.00 25.89 ? 81  LYS A CB  1 
ATOM   331 C CG  . LYS A 1 52 ? -2.244  -4.354  9.356   1.00 25.98 ? 81  LYS A CG  1 
ATOM   332 C CD  . LYS A 1 52 ? -3.211  -5.425  9.838   1.00 27.57 ? 81  LYS A CD  1 
ATOM   333 C CE  . LYS A 1 52 ? -3.136  -5.596  11.362  1.00 31.07 ? 81  LYS A CE  1 
ATOM   334 N NZ  . LYS A 1 52 ? -3.939  -6.770  11.771  1.00 31.23 ? 81  LYS A NZ  1 
ATOM   335 N N   . GLU A 1 53 ? 0.449   -3.046  8.593   1.00 19.54 ? 82  GLU A N   1 
ATOM   336 C CA  . GLU A 1 53 ? 1.830   -3.338  8.931   1.00 20.78 ? 82  GLU A CA  1 
ATOM   337 C C   . GLU A 1 53 ? 2.097   -4.842  8.978   1.00 21.44 ? 82  GLU A C   1 
ATOM   338 O O   . GLU A 1 53 ? 1.270   -5.588  9.501   1.00 19.26 ? 82  GLU A O   1 
ATOM   339 C CB  . GLU A 1 53 ? 2.128   -2.706  10.286  1.00 24.15 ? 82  GLU A CB  1 
ATOM   340 C CG  . GLU A 1 53 ? 3.567   -2.793  10.723  1.00 25.09 ? 82  GLU A CG  1 
ATOM   341 C CD  . GLU A 1 53 ? 3.795   -2.075  12.069  1.00 29.72 ? 82  GLU A CD  1 
ATOM   342 O OE1 . GLU A 1 53 ? 2.802   -1.691  12.748  1.00 28.07 ? 82  GLU A OE1 1 
ATOM   343 O OE2 . GLU A 1 53 ? 4.972   -1.906  12.427  1.00 29.15 ? 82  GLU A OE2 1 
ATOM   344 N N   . THR A 1 54 ? 3.241   -5.275  8.431   1.00 21.06 ? 83  THR A N   1 
ATOM   345 C CA  . THR A 1 54 ? 3.585   -6.698  8.408   1.00 23.34 ? 83  THR A CA  1 
ATOM   346 C C   . THR A 1 54 ? 4.813   -6.988  9.278   1.00 25.40 ? 83  THR A C   1 
ATOM   347 O O   . THR A 1 54 ? 5.450   -6.071  9.826   1.00 24.18 ? 83  THR A O   1 
ATOM   348 C CB  . THR A 1 54 ? 3.937   -7.208  6.961   1.00 23.63 ? 83  THR A CB  1 
ATOM   349 O OG1 . THR A 1 54 ? 5.186   -6.647  6.549   1.00 21.99 ? 83  THR A OG1 1 
ATOM   350 C CG2 . THR A 1 54 ? 2.871   -6.818  5.932   1.00 20.31 ? 83  THR A CG2 1 
ATOM   351 N N   . VAL A 1 55 ? 5.182   -8.260  9.358   1.00 26.50 ? 84  VAL A N   1 
ATOM   352 C CA  . VAL A 1 55 ? 6.363   -8.649  10.130  1.00 26.24 ? 84  VAL A CA  1 
ATOM   353 C C   . VAL A 1 55 ? 7.673   -8.449  9.350   1.00 27.13 ? 84  VAL A C   1 
ATOM   354 O O   . VAL A 1 55 ? 8.739   -8.698  9.874   1.00 28.35 ? 84  VAL A O   1 
ATOM   355 C CB  . VAL A 1 55 ? 6.259   -10.155 10.593  1.00 27.19 ? 84  VAL A CB  1 
ATOM   356 C CG1 . VAL A 1 55 ? 4.899   -10.416 11.239  1.00 24.70 ? 84  VAL A CG1 1 
ATOM   357 C CG2 . VAL A 1 55 ? 6.480   -11.087 9.410   1.00 27.12 ? 84  VAL A CG2 1 
ATOM   358 N N   . CYS A 1 56 ? 7.612   -8.003  8.098   1.00 27.20 ? 85  CYS A N   1 
ATOM   359 C CA  . CYS A 1 56 ? 8.823   -7.812  7.300   1.00 28.26 ? 85  CYS A CA  1 
ATOM   360 C C   . CYS A 1 56 ? 9.442   -6.416  7.423   1.00 30.14 ? 85  CYS A C   1 
ATOM   361 O O   . CYS A 1 56 ? 8.789   -5.429  7.107   1.00 28.20 ? 85  CYS A O   1 
ATOM   362 C CB  . CYS A 1 56 ? 8.514   -8.046  5.822   1.00 27.67 ? 85  CYS A CB  1 
ATOM   363 S SG  . CYS A 1 56 ? 8.170   -9.760  5.345   1.00 27.69 ? 85  CYS A SG  1 
ATOM   364 N N   . PRO A 1 57 ? 10.723  -6.327  7.828   1.00 33.65 ? 86  PRO A N   1 
ATOM   365 C CA  . PRO A 1 57 ? 11.400  -5.034  7.979   1.00 34.79 ? 86  PRO A CA  1 
ATOM   366 C C   . PRO A 1 57 ? 11.548  -4.385  6.603   1.00 36.77 ? 86  PRO A C   1 
ATOM   367 O O   . PRO A 1 57 ? 11.841  -5.067  5.619   1.00 36.72 ? 86  PRO A O   1 
ATOM   368 C CB  . PRO A 1 57 ? 12.726  -5.422  8.647   1.00 33.16 ? 86  PRO A CB  1 
ATOM   369 C CG  . PRO A 1 57 ? 12.991  -6.767  8.106   1.00 34.23 ? 86  PRO A CG  1 
ATOM   370 C CD  . PRO A 1 57 ? 11.641  -7.434  8.163   1.00 34.61 ? 86  PRO A CD  1 
ATOM   371 N N   . ARG A 1 58 ? 11.337  -3.079  6.540   1.00 39.93 ? 87  ARG A N   1 
ATOM   372 C CA  . ARG A 1 58 ? 11.354  -2.332  5.273   1.00 45.79 ? 87  ARG A CA  1 
ATOM   373 C C   . ARG A 1 58 ? 12.391  -2.659  4.222   1.00 49.11 ? 87  ARG A C   1 
ATOM   374 O O   . ARG A 1 58 ? 12.074  -2.727  3.027   1.00 50.90 ? 87  ARG A O   1 
ATOM   375 C CB  . ARG A 1 58 ? 11.393  -0.833  5.525   1.00 46.16 ? 87  ARG A CB  1 
ATOM   376 C CG  . ARG A 1 58 ? 10.363  -0.091  4.672   1.00 48.72 ? 87  ARG A CG  1 
ATOM   377 C CD  . ARG A 1 58 ? 10.909  1.209   4.072   1.00 47.95 ? 87  ARG A CD  1 
ATOM   378 N NE  . ARG A 1 58 ? 11.494  2.052   5.104   1.00 48.50 ? 87  ARG A NE  1 
ATOM   379 C CZ  . ARG A 1 58 ? 12.791  2.097   5.392   1.00 49.38 ? 87  ARG A CZ  1 
ATOM   380 N NH1 . ARG A 1 58 ? 13.645  1.354   4.713   1.00 49.48 ? 87  ARG A NH1 1 
ATOM   381 N NH2 . ARG A 1 58 ? 13.232  2.854   6.392   1.00 51.13 ? 87  ARG A NH2 1 
ATOM   382 N N   . PRO A 1 59 ? 13.655  -2.809  4.625   1.00 51.97 ? 88  PRO A N   1 
ATOM   383 C CA  . PRO A 1 59 ? 14.643  -3.139  3.589   1.00 53.68 ? 88  PRO A CA  1 
ATOM   384 C C   . PRO A 1 59 ? 14.557  -4.656  3.406   1.00 55.78 ? 88  PRO A C   1 
ATOM   385 O O   . PRO A 1 59 ? 15.315  -5.412  4.023   1.00 58.03 ? 88  PRO A O   1 
ATOM   386 C CB  . PRO A 1 59 ? 15.950  -2.714  4.226   1.00 53.43 ? 88  PRO A CB  1 
ATOM   387 C CG  . PRO A 1 59 ? 15.699  -3.041  5.685   1.00 52.90 ? 88  PRO A CG  1 
ATOM   388 C CD  . PRO A 1 59 ? 14.299  -2.539  5.922   1.00 52.02 ? 88  PRO A CD  1 
ATOM   389 N N   . THR A 1 60 ? 13.600  -5.106  2.607   1.00 55.72 ? 89  THR A N   1 
ATOM   390 C CA  . THR A 1 60 ? 13.415  -6.535  2.382   1.00 55.93 ? 89  THR A CA  1 
ATOM   391 C C   . THR A 1 60 ? 12.909  -6.681  0.958   1.00 55.99 ? 89  THR A C   1 
ATOM   392 O O   . THR A 1 60 ? 11.903  -6.079  0.588   1.00 56.37 ? 89  THR A O   1 
ATOM   393 C CB  . THR A 1 60 ? 12.381  -7.122  3.401   1.00 56.99 ? 89  THR A CB  1 
ATOM   394 O OG1 . THR A 1 60 ? 13.048  -7.517  4.619   1.00 56.80 ? 89  THR A OG1 1 
ATOM   395 C CG2 . THR A 1 60 ? 11.649  -8.308  2.809   1.00 56.32 ? 89  THR A CG2 1 
ATOM   396 N N   . ARG A 1 61 ? 13.615  -7.458  0.147   1.00 54.62 ? 90  ARG A N   1 
ATOM   397 C CA  . ARG A 1 61 ? 13.201  -7.641  -1.234  1.00 53.75 ? 90  ARG A CA  1 
ATOM   398 C C   . ARG A 1 61 ? 12.170  -8.753  -1.340  1.00 50.80 ? 90  ARG A C   1 
ATOM   399 O O   . ARG A 1 61 ? 12.252  -9.629  -2.198  1.00 52.00 ? 90  ARG A O   1 
ATOM   400 C CB  . ARG A 1 61 ? 14.420  -7.939  -2.114  1.00 58.27 ? 90  ARG A CB  1 
ATOM   401 C CG  . ARG A 1 61 ? 15.503  -6.849  -2.000  1.00 64.80 ? 90  ARG A CG  1 
ATOM   402 C CD  . ARG A 1 61 ? 16.737  -7.048  -2.914  1.00 67.94 ? 90  ARG A CD  1 
ATOM   403 N NE  . ARG A 1 61 ? 17.848  -6.209  -2.436  1.00 72.25 ? 90  ARG A NE  1 
ATOM   404 C CZ  . ARG A 1 61 ? 19.047  -6.090  -3.009  1.00 73.43 ? 90  ARG A CZ  1 
ATOM   405 N NH1 . ARG A 1 61 ? 19.336  -6.760  -4.124  1.00 74.24 ? 90  ARG A NH1 1 
ATOM   406 N NH2 . ARG A 1 61 ? 19.965  -5.300  -2.455  1.00 73.84 ? 90  ARG A NH2 1 
ATOM   407 N N   . GLN A 1 62 ? 11.185  -8.713  -0.458  1.00 45.70 ? 91  GLN A N   1 
ATOM   408 C CA  . GLN A 1 62 ? 10.145  -9.721  -0.463  1.00 41.84 ? 91  GLN A CA  1 
ATOM   409 C C   . GLN A 1 62 ? 8.842   -8.997  -0.739  1.00 36.55 ? 91  GLN A C   1 
ATOM   410 O O   . GLN A 1 62 ? 8.537   -8.018  -0.069  1.00 35.21 ? 91  GLN A O   1 
ATOM   411 C CB  . GLN A 1 62 ? 10.083  -10.408 0.907   1.00 45.76 ? 91  GLN A CB  1 
ATOM   412 C CG  . GLN A 1 62 ? 9.228   -11.652 0.968   1.00 50.17 ? 91  GLN A CG  1 
ATOM   413 C CD  . GLN A 1 62 ? 9.755   -12.779 0.078   1.00 54.48 ? 91  GLN A CD  1 
ATOM   414 O OE1 . GLN A 1 62 ? 9.837   -12.637 -1.147  1.00 55.66 ? 91  GLN A OE1 1 
ATOM   415 N NE2 . GLN A 1 62 ? 10.110  -13.905 0.694   1.00 55.23 ? 91  GLN A NE2 1 
ATOM   416 N N   . PRO A 1 63 ? 8.078   -9.437  -1.750  1.00 31.81 ? 92  PRO A N   1 
ATOM   417 C CA  . PRO A 1 63 ? 6.805   -8.769  -2.040  1.00 28.86 ? 92  PRO A CA  1 
ATOM   418 C C   . PRO A 1 63 ? 6.050   -8.744  -0.709  1.00 26.57 ? 92  PRO A C   1 
ATOM   419 O O   . PRO A 1 63 ? 6.085   -9.710  0.054   1.00 23.80 ? 92  PRO A O   1 
ATOM   420 C CB  . PRO A 1 63 ? 6.120   -9.703  -3.044  1.00 29.00 ? 92  PRO A CB  1 
ATOM   421 C CG  . PRO A 1 63 ? 7.238   -10.426 -3.691  1.00 30.37 ? 92  PRO A CG  1 
ATOM   422 C CD  . PRO A 1 63 ? 8.228   -10.659 -2.555  1.00 32.25 ? 92  PRO A CD  1 
ATOM   423 N N   . PRO A 1 64 ? 5.377   -7.636  -0.411  1.00 26.45 ? 93  PRO A N   1 
ATOM   424 C CA  . PRO A 1 64 ? 4.635   -7.554  0.850   1.00 25.37 ? 93  PRO A CA  1 
ATOM   425 C C   . PRO A 1 64 ? 3.593   -8.621  1.011   1.00 24.89 ? 93  PRO A C   1 
ATOM   426 O O   . PRO A 1 64 ? 3.244   -9.005  2.128   1.00 25.21 ? 93  PRO A O   1 
ATOM   427 C CB  . PRO A 1 64 ? 4.049   -6.138  0.831   1.00 25.66 ? 93  PRO A CB  1 
ATOM   428 C CG  . PRO A 1 64 ? 4.097   -5.720  -0.646  1.00 26.61 ? 93  PRO A CG  1 
ATOM   429 C CD  . PRO A 1 64 ? 5.361   -6.357  -1.144  1.00 25.48 ? 93  PRO A CD  1 
ATOM   430 N N   . GLU A 1 65 ? 3.087   -9.141  -0.096  1.00 25.86 ? 94  GLU A N   1 
ATOM   431 C CA  . GLU A 1 65 ? 2.073   -10.161 0.065   1.00 28.10 ? 94  GLU A CA  1 
ATOM   432 C C   . GLU A 1 65 ? 2.617   -11.494 0.565   1.00 26.99 ? 94  GLU A C   1 
ATOM   433 O O   . GLU A 1 65 ? 1.845   -12.411 0.814   1.00 27.59 ? 94  GLU A O   1 
ATOM   434 C CB  . GLU A 1 65 ? 1.297   -10.379 -1.215  1.00 30.68 ? 94  GLU A CB  1 
ATOM   435 C CG  . GLU A 1 65 ? 2.028   -11.147 -2.257  1.00 34.37 ? 94  GLU A CG  1 
ATOM   436 C CD  . GLU A 1 65 ? 1.264   -11.100 -3.570  1.00 40.18 ? 94  GLU A CD  1 
ATOM   437 O OE1 . GLU A 1 65 ? 1.267   -9.999  -4.178  1.00 38.95 ? 94  GLU A OE1 1 
ATOM   438 O OE2 . GLU A 1 65 ? 0.654   -12.147 -3.974  1.00 41.33 ? 94  GLU A OE2 1 
ATOM   439 N N   . LEU A 1 66 ? 3.926   -11.622 0.698   1.00 24.77 ? 95  LEU A N   1 
ATOM   440 C CA  . LEU A 1 66 ? 4.458   -12.862 1.243   1.00 25.44 ? 95  LEU A CA  1 
ATOM   441 C C   . LEU A 1 66 ? 4.754   -12.627 2.709   1.00 28.34 ? 95  LEU A C   1 
ATOM   442 O O   . LEU A 1 66 ? 5.220   -13.527 3.408   1.00 30.02 ? 95  LEU A O   1 
ATOM   443 C CB  . LEU A 1 66 ? 5.732   -13.276 0.527   1.00 25.95 ? 95  LEU A CB  1 
ATOM   444 C CG  . LEU A 1 66 ? 5.564   -13.826 -0.898  1.00 26.56 ? 95  LEU A CG  1 
ATOM   445 C CD1 . LEU A 1 66 ? 6.916   -14.271 -1.422  1.00 27.26 ? 95  LEU A CD1 1 
ATOM   446 C CD2 . LEU A 1 66 ? 4.611   -15.002 -0.892  1.00 25.74 ? 95  LEU A CD2 1 
ATOM   447 N N   . CYS A 1 67 ? 4.463   -11.407 3.174   1.00 27.18 ? 96  CYS A N   1 
ATOM   448 C CA  . CYS A 1 67 ? 4.719   -11.015 4.555   1.00 26.74 ? 96  CYS A CA  1 
ATOM   449 C C   . CYS A 1 67 ? 3.459   -11.023 5.416   1.00 25.49 ? 96  CYS A C   1 
ATOM   450 O O   . CYS A 1 67 ? 2.525   -10.297 5.134   1.00 24.65 ? 96  CYS A O   1 
ATOM   451 C CB  . CYS A 1 67 ? 5.325   -9.620  4.555   1.00 24.53 ? 96  CYS A CB  1 
ATOM   452 S SG  . CYS A 1 67 ? 6.940   -9.545  3.729   1.00 26.66 ? 96  CYS A SG  1 
ATOM   453 N N   . ASP A 1 68 ? 3.437   -11.836 6.471   1.00 26.23 ? 97  ASP A N   1 
ATOM   454 C CA  . ASP A 1 68 ? 2.254   -11.901 7.350   1.00 27.95 ? 97  ASP A CA  1 
ATOM   455 C C   . ASP A 1 68 ? 2.027   -10.552 8.040   1.00 26.65 ? 97  ASP A C   1 
ATOM   456 O O   . ASP A 1 68 ? 2.985   -9.847  8.371   1.00 24.86 ? 97  ASP A O   1 
ATOM   457 C CB  . ASP A 1 68 ? 2.430   -12.951 8.467   1.00 28.43 ? 97  ASP A CB  1 
ATOM   458 C CG  . ASP A 1 68 ? 2.747   -14.355 7.943   1.00 30.66 ? 97  ASP A CG  1 
ATOM   459 O OD1 . ASP A 1 68 ? 2.399   -14.698 6.803   1.00 31.68 ? 97  ASP A OD1 1 
ATOM   460 O OD2 . ASP A 1 68 ? 3.333   -15.147 8.706   1.00 32.07 ? 97  ASP A OD2 1 
ATOM   461 N N   . PHE A 1 69 ? 0.769   -10.217 8.266   1.00 27.02 ? 98  PHE A N   1 
ATOM   462 C CA  . PHE A 1 69 ? 0.431   -8.976  8.955   1.00 29.03 ? 98  PHE A CA  1 
ATOM   463 C C   . PHE A 1 69 ? 0.926   -9.084  10.378  1.00 31.03 ? 98  PHE A C   1 
ATOM   464 O O   . PHE A 1 69 ? 1.003   -10.173 10.945  1.00 31.76 ? 98  PHE A O   1 
ATOM   465 C CB  . PHE A 1 69 ? -1.074  -8.778  8.993   1.00 26.88 ? 98  PHE A CB  1 
ATOM   466 C CG  . PHE A 1 69 ? -1.670  -8.547  7.652   1.00 27.82 ? 98  PHE A CG  1 
ATOM   467 C CD1 . PHE A 1 69 ? -1.405  -7.373  6.962   1.00 24.50 ? 98  PHE A CD1 1 
ATOM   468 C CD2 . PHE A 1 69 ? -2.479  -9.506  7.064   1.00 25.39 ? 98  PHE A CD2 1 
ATOM   469 C CE1 . PHE A 1 69 ? -1.942  -7.147  5.701   1.00 25.47 ? 98  PHE A CE1 1 
ATOM   470 C CE2 . PHE A 1 69 ? -3.009  -9.300  5.813   1.00 24.45 ? 98  PHE A CE2 1 
ATOM   471 C CZ  . PHE A 1 69 ? -2.742  -8.099  5.117   1.00 24.41 ? 98  PHE A CZ  1 
ATOM   472 N N   . LYS A 1 70 ? 1.267   -7.952  10.955  1.00 32.43 ? 99  LYS A N   1 
ATOM   473 C CA  . LYS A 1 70 ? 1.716   -7.922  12.313  1.00 34.25 ? 99  LYS A CA  1 
ATOM   474 C C   . LYS A 1 70 ? 0.419   -7.834  13.081  1.00 36.69 ? 99  LYS A C   1 
ATOM   475 O O   . LYS A 1 70 ? -0.450  -7.045  12.732  1.00 34.59 ? 99  LYS A O   1 
ATOM   476 C CB  . LYS A 1 70 ? 2.558   -6.676  12.547  1.00 35.75 ? 99  LYS A CB  1 
ATOM   477 C CG  . LYS A 1 70 ? 3.079   -6.571  13.958  1.00 38.21 ? 99  LYS A CG  1 
ATOM   478 C CD  . LYS A 1 70 ? 4.253   -5.588  14.124  1.00 39.44 ? 99  LYS A CD  1 
ATOM   479 C CE  . LYS A 1 70 ? 4.613   -5.491  15.623  1.00 40.35 ? 99  LYS A CE  1 
ATOM   480 N NZ  . LYS A 1 70 ? 5.799   -4.657  15.920  1.00 44.52 ? 99  LYS A NZ  1 
ATOM   481 N N   . GLU A 1 71 ? 0.247   -8.657  14.106  1.00 40.00 ? 100 GLU A N   1 
ATOM   482 C CA  . GLU A 1 71 ? -1.000  -8.548  14.830  1.00 43.99 ? 100 GLU A CA  1 
ATOM   483 C C   . GLU A 1 71 ? -0.931  -7.310  15.684  1.00 44.31 ? 100 GLU A C   1 
ATOM   484 O O   . GLU A 1 71 ? 0.088   -7.037  16.314  1.00 43.62 ? 100 GLU A O   1 
ATOM   485 C CB  . GLU A 1 71 ? -1.284  -9.769  15.696  1.00 48.98 ? 100 GLU A CB  1 
ATOM   486 C CG  . GLU A 1 71 ? -2.792  -9.960  15.854  1.00 53.72 ? 100 GLU A CG  1 
ATOM   487 C CD  . GLU A 1 71 ? -3.556  -9.525  14.576  1.00 57.26 ? 100 GLU A CD  1 
ATOM   488 O OE1 . GLU A 1 71 ? -3.596  -8.292  14.292  1.00 57.80 ? 100 GLU A OE1 1 
ATOM   489 O OE2 . GLU A 1 71 ? -4.096  -10.414 13.859  1.00 57.12 ? 100 GLU A OE2 1 
ATOM   490 N N   . ASN A 1 72 ? -2.013  -6.548  15.699  1.00 45.29 ? 101 ASN A N   1 
ATOM   491 C CA  . ASN A 1 72 ? -2.012  -5.296  16.450  1.00 45.86 ? 101 ASN A CA  1 
ATOM   492 C C   . ASN A 1 72 ? -1.034  -4.379  15.728  1.00 43.42 ? 101 ASN A C   1 
ATOM   493 O O   . ASN A 1 72 ? -0.449  -3.463  16.310  1.00 44.03 ? 101 ASN A O   1 
ATOM   494 C CB  . ASN A 1 72 ? -1.581  -5.560  17.894  1.00 48.10 ? 101 ASN A CB  1 
ATOM   495 C CG  . ASN A 1 72 ? -2.327  -6.752  18.500  1.00 52.17 ? 101 ASN A CG  1 
ATOM   496 O OD1 . ASN A 1 72 ? -3.541  -6.897  18.314  1.00 53.95 ? 101 ASN A OD1 1 
ATOM   497 N ND2 . ASN A 1 72 ? -1.608  -7.610  19.220  1.00 53.62 ? 101 ASN A ND2 1 
ATOM   498 N N   . GLY A 1 73 ? -0.840  -4.672  14.445  1.00 40.85 ? 102 GLY A N   1 
ATOM   499 C CA  . GLY A 1 73 ? 0.042   -3.864  13.633  1.00 36.51 ? 102 GLY A CA  1 
ATOM   500 C C   . GLY A 1 73 ? -0.776  -2.671  13.164  1.00 33.43 ? 102 GLY A C   1 
ATOM   501 O O   . GLY A 1 73 ? -2.008  -2.795  13.030  1.00 33.40 ? 102 GLY A O   1 
ATOM   502 N N   . ARG A 1 74 ? -0.119  -1.536  12.913  1.00 28.84 ? 103 ARG A N   1 
ATOM   503 C CA  . ARG A 1 74 ? -0.816  -0.342  12.474  1.00 27.42 ? 103 ARG A CA  1 
ATOM   504 C C   . ARG A 1 74 ? -1.560  -0.538  11.152  1.00 28.27 ? 103 ARG A C   1 
ATOM   505 O O   . ARG A 1 74 ? -1.076  -1.198  10.224  1.00 25.93 ? 103 ARG A O   1 
ATOM   506 C CB  . ARG A 1 74 ? 0.169   0.814   12.349  1.00 27.78 ? 103 ARG A CB  1 
ATOM   507 C CG  . ARG A 1 74 ? -0.443  2.114   11.850  1.00 29.89 ? 103 ARG A CG  1 
ATOM   508 C CD  . ARG A 1 74 ? 0.568   3.262   12.036  1.00 31.29 ? 103 ARG A CD  1 
ATOM   509 N NE  . ARG A 1 74 ? 0.882   3.370   13.456  1.00 32.26 ? 103 ARG A NE  1 
ATOM   510 C CZ  . ARG A 1 74 ? 1.599   4.340   14.009  1.00 34.14 ? 103 ARG A CZ  1 
ATOM   511 N NH1 . ARG A 1 74 ? 2.105   5.307   13.256  1.00 33.63 ? 103 ARG A NH1 1 
ATOM   512 N NH2 . ARG A 1 74 ? 1.757   4.376   15.338  1.00 35.63 ? 103 ARG A NH2 1 
ATOM   513 N N   . VAL A 1 75 ? -2.768  0.013   11.096  1.00 29.43 ? 104 VAL A N   1 
ATOM   514 C CA  . VAL A 1 75 ? -3.594  -0.031  9.897   1.00 30.18 ? 104 VAL A CA  1 
ATOM   515 C C   . VAL A 1 75 ? -3.760  1.405   9.362   1.00 31.12 ? 104 VAL A C   1 
ATOM   516 O O   . VAL A 1 75 ? -4.011  2.339   10.144  1.00 29.41 ? 104 VAL A O   1 
ATOM   517 C CB  . VAL A 1 75 ? -4.978  -0.594  10.212  1.00 29.48 ? 104 VAL A CB  1 
ATOM   518 C CG1 . VAL A 1 75 ? -5.852  -0.497  8.985   1.00 27.19 ? 104 VAL A CG1 1 
ATOM   519 C CG2 . VAL A 1 75 ? -4.859  -2.020  10.682  1.00 29.33 ? 104 VAL A CG2 1 
ATOM   520 N N   . LYS A 1 76 ? -3.602  1.589   8.044   1.00 30.68 ? 105 LYS A N   1 
ATOM   521 C CA  . LYS A 1 76 ? -3.761  2.926   7.452   1.00 30.30 ? 105 LYS A CA  1 
ATOM   522 C C   . LYS A 1 76 ? -4.754  2.956   6.301   1.00 30.72 ? 105 LYS A C   1 
ATOM   523 O O   . LYS A 1 76 ? -4.933  1.957   5.596   1.00 29.53 ? 105 LYS A O   1 
ATOM   524 C CB  . LYS A 1 76 ? -2.429  3.479   6.927   1.00 30.35 ? 105 LYS A CB  1 
ATOM   525 C CG  . LYS A 1 76 ? -1.316  3.598   7.953   1.00 28.47 ? 105 LYS A CG  1 
ATOM   526 C CD  . LYS A 1 76 ? -0.098  4.224   7.345   1.00 28.62 ? 105 LYS A CD  1 
ATOM   527 C CE  . LYS A 1 76 ? 1.014   4.364   8.360   1.00 31.13 ? 105 LYS A CE  1 
ATOM   528 N NZ  . LYS A 1 76 ? 2.231   4.993   7.769   1.00 30.23 ? 105 LYS A NZ  1 
ATOM   529 N N   . GLN A 1 77 ? -5.381  4.115   6.119   1.00 30.01 ? 106 GLN A N   1 
ATOM   530 C CA  . GLN A 1 77 ? -6.331  4.336   5.040   1.00 31.25 ? 106 GLN A CA  1 
ATOM   531 C C   . GLN A 1 77 ? -5.600  5.192   4.047   1.00 31.60 ? 106 GLN A C   1 
ATOM   532 O O   . GLN A 1 77 ? -5.099  6.264   4.398   1.00 30.98 ? 106 GLN A O   1 
ATOM   533 C CB  . GLN A 1 77 ? -7.540  5.117   5.500   1.00 32.85 ? 106 GLN A CB  1 
ATOM   534 C CG  . GLN A 1 77 ? -8.469  5.480   4.330   1.00 36.64 ? 106 GLN A CG  1 
ATOM   535 C CD  . GLN A 1 77 ? -9.248  4.286   3.840   1.00 39.75 ? 106 GLN A CD  1 
ATOM   536 O OE1 . GLN A 1 77 ? -10.040 3.715   4.586   1.00 43.62 ? 106 GLN A OE1 1 
ATOM   537 N NE2 . GLN A 1 77 ? -9.024  3.885   2.587   1.00 41.71 ? 106 GLN A NE2 1 
ATOM   538 N N   . CYS A 1 78 ? -5.510  4.717   2.815   1.00 30.40 ? 107 CYS A N   1 
ATOM   539 C CA  . CYS A 1 78 ? -4.830  5.472   1.777   1.00 30.92 ? 107 CYS A CA  1 
ATOM   540 C C   . CYS A 1 78 ? -5.871  5.960   0.770   1.00 32.10 ? 107 CYS A C   1 
ATOM   541 O O   . CYS A 1 78 ? -6.879  5.281   0.527   1.00 31.70 ? 107 CYS A O   1 
ATOM   542 C CB  . CYS A 1 78 ? -3.826  4.586   1.053   1.00 32.14 ? 107 CYS A CB  1 
ATOM   543 S SG  . CYS A 1 78 ? -2.577  3.752   2.101   1.00 30.23 ? 107 CYS A SG  1 
ATOM   544 N N   . VAL A 1 79 ? -5.655  7.142   0.206   1.00 31.35 ? 108 VAL A N   1 
ATOM   545 C CA  . VAL A 1 79 ? -6.583  7.637   -0.783  1.00 31.02 ? 108 VAL A CA  1 
ATOM   546 C C   . VAL A 1 79 ? -5.813  8.453   -1.771  1.00 31.28 ? 108 VAL A C   1 
ATOM   547 O O   . VAL A 1 79 ? -4.700  8.905   -1.496  1.00 31.81 ? 108 VAL A O   1 
ATOM   548 C CB  . VAL A 1 79 ? -7.724  8.496   -0.178  1.00 33.24 ? 108 VAL A CB  1 
ATOM   549 C CG1 . VAL A 1 79 ? -8.567  7.663   0.757   1.00 32.14 ? 108 VAL A CG1 1 
ATOM   550 C CG2 . VAL A 1 79 ? -7.140  9.709   0.556   1.00 35.02 ? 108 VAL A CG2 1 
ATOM   551 N N   . GLY A 1 80 ? -6.395  8.603   -2.954  1.00 31.71 ? 109 GLY A N   1 
ATOM   552 C CA  . GLY A 1 80 ? -5.745  9.378   -4.001  1.00 31.37 ? 109 GLY A CA  1 
ATOM   553 C C   . GLY A 1 80 ? -6.074  8.822   -5.371  1.00 29.74 ? 109 GLY A C   1 
ATOM   554 O O   . GLY A 1 80 ? -7.225  8.432   -5.639  1.00 28.25 ? 109 GLY A O   1 
ATOM   555 N N   . THR A 1 81 ? -5.068  8.739   -6.235  1.00 30.02 ? 110 THR A N   1 
ATOM   556 C CA  . THR A 1 81 ? -5.307  8.223   -7.580  1.00 32.87 ? 110 THR A CA  1 
ATOM   557 C C   . THR A 1 81 ? -4.155  7.380   -8.124  1.00 33.05 ? 110 THR A C   1 
ATOM   558 O O   . THR A 1 81 ? -3.039  7.402   -7.586  1.00 34.29 ? 110 THR A O   1 
ATOM   559 C CB  . THR A 1 81 ? -5.503  9.387   -8.591  1.00 33.93 ? 110 THR A CB  1 
ATOM   560 O OG1 . THR A 1 81 ? -4.282  10.136  -8.680  1.00 34.77 ? 110 THR A OG1 1 
ATOM   561 C CG2 . THR A 1 81 ? -6.624  10.337  -8.149  1.00 33.08 ? 110 THR A CG2 1 
ATOM   562 N N   . VAL A 1 82 ? -4.437  6.648   -9.204  1.00 33.42 ? 111 VAL A N   1 
ATOM   563 C CA  . VAL A 1 82 ? -3.420  5.853   -9.898  1.00 33.85 ? 111 VAL A CA  1 
ATOM   564 C C   . VAL A 1 82 ? -3.644  5.927   -11.416 1.00 35.32 ? 111 VAL A C   1 
ATOM   565 O O   . VAL A 1 82 ? -4.771  6.076   -11.884 1.00 34.07 ? 111 VAL A O   1 
ATOM   566 C CB  . VAL A 1 82 ? -3.425  4.349   -9.467  1.00 32.65 ? 111 VAL A CB  1 
ATOM   567 C CG1 . VAL A 1 82 ? -3.203  4.222   -7.939  1.00 31.63 ? 111 VAL A CG1 1 
ATOM   568 C CG2 . VAL A 1 82 ? -4.713  3.696   -9.908  1.00 31.19 ? 111 VAL A CG2 1 
ATOM   569 N N   . THR A 1 83 ? -2.557  5.833   -12.176 1.00 38.02 ? 112 THR A N   1 
ATOM   570 C CA  . THR A 1 83 ? -2.627  5.863   -13.621 1.00 43.08 ? 112 THR A CA  1 
ATOM   571 C C   . THR A 1 83 ? -2.420  4.438   -14.111 1.00 44.60 ? 112 THR A C   1 
ATOM   572 O O   . THR A 1 83 ? -1.437  3.799   -13.751 1.00 43.57 ? 112 THR A O   1 
ATOM   573 C CB  . THR A 1 83 ? -1.519  6.752   -14.226 1.00 45.12 ? 112 THR A CB  1 
ATOM   574 O OG1 . THR A 1 83 ? -0.245  6.084   -14.141 1.00 48.67 ? 112 THR A OG1 1 
ATOM   575 C CG2 . THR A 1 83 ? -1.443  8.059   -13.478 1.00 46.31 ? 112 THR A CG2 1 
ATOM   576 N N   . LEU A 1 84 ? -3.343  3.955   -14.935 1.00 47.29 ? 113 LEU A N   1 
ATOM   577 C CA  . LEU A 1 84 ? -3.264  2.600   -15.474 1.00 51.84 ? 113 LEU A CA  1 
ATOM   578 C C   . LEU A 1 84 ? -1.987  2.303   -16.284 1.00 55.22 ? 113 LEU A C   1 
ATOM   579 O O   . LEU A 1 84 ? -1.830  1.193   -16.788 1.00 56.69 ? 113 LEU A O   1 
ATOM   580 C CB  . LEU A 1 84 ? -4.494  2.319   -16.335 1.00 50.32 ? 113 LEU A CB  1 
ATOM   581 C CG  . LEU A 1 84 ? -5.835  2.665   -15.678 1.00 50.84 ? 113 LEU A CG  1 
ATOM   582 C CD1 . LEU A 1 84 ? -6.966  2.401   -16.666 1.00 51.84 ? 113 LEU A CD1 1 
ATOM   583 C CD2 . LEU A 1 84 ? -6.027  1.862   -14.396 1.00 47.64 ? 113 LEU A CD2 1 
ATOM   584 N N   . ASP A 1 85 ? -1.090  3.284   -16.420 1.00 58.50 ? 114 ASP A N   1 
ATOM   585 C CA  . ASP A 1 85 ? 0.163   3.086   -17.154 1.00 61.54 ? 114 ASP A CA  1 
ATOM   586 C C   . ASP A 1 85 ? 1.343   3.634   -16.349 1.00 62.65 ? 114 ASP A C   1 
ATOM   587 O O   . ASP A 1 85 ? 1.138   4.007   -15.167 1.00 63.40 ? 114 ASP A O   1 
ATOM   588 C CB  . ASP A 1 85 ? 0.125   3.788   -18.516 1.00 63.45 ? 114 ASP A CB  1 
ATOM   589 C CG  . ASP A 1 85 ? -1.286  3.930   -19.065 1.00 66.65 ? 114 ASP A CG  1 
ATOM   590 O OD1 . ASP A 1 85 ? -2.006  2.904   -19.162 1.00 66.71 ? 114 ASP A OD1 1 
ATOM   591 O OD2 . ASP A 1 85 ? -1.673  5.079   -19.398 1.00 67.82 ? 114 ASP A OD2 1 
ATOM   592 N N   . PRO A 1 90 ? 3.571   9.670   -11.206 1.00 56.47 ? 119 PRO A N   1 
ATOM   593 C CA  . PRO A 1 90 ? 4.001   9.988   -9.825  1.00 56.40 ? 119 PRO A CA  1 
ATOM   594 C C   . PRO A 1 90 ? 2.981   9.459   -8.817  1.00 56.02 ? 119 PRO A C   1 
ATOM   595 O O   . PRO A 1 90 ? 1.804   9.306   -9.151  1.00 57.43 ? 119 PRO A O   1 
ATOM   596 C CB  . PRO A 1 90 ? 4.132   11.506  -9.748  1.00 56.68 ? 119 PRO A CB  1 
ATOM   597 C CG  . PRO A 1 90 ? 3.101   11.949  -10.786 1.00 57.04 ? 119 PRO A CG  1 
ATOM   598 C CD  . PRO A 1 90 ? 3.200   10.907  -11.919 1.00 57.55 ? 119 PRO A CD  1 
ATOM   599 N N   . LEU A 1 91 ? 3.431   9.165   -7.597  1.00 54.70 ? 120 LEU A N   1 
ATOM   600 C CA  . LEU A 1 91 ? 2.546   8.649   -6.560  1.00 52.34 ? 120 LEU A CA  1 
ATOM   601 C C   . LEU A 1 91 ? 1.614   9.741   -6.091  1.00 51.37 ? 120 LEU A C   1 
ATOM   602 O O   . LEU A 1 91 ? 2.055   10.833  -5.780  1.00 52.79 ? 120 LEU A O   1 
ATOM   603 C CB  . LEU A 1 91 ? 3.348   8.156   -5.357  1.00 51.69 ? 120 LEU A CB  1 
ATOM   604 C CG  . LEU A 1 91 ? 2.470   7.785   -4.161  1.00 50.99 ? 120 LEU A CG  1 
ATOM   605 C CD1 . LEU A 1 91 ? 1.700   6.511   -4.471  1.00 49.16 ? 120 LEU A CD1 1 
ATOM   606 C CD2 . LEU A 1 91 ? 3.331   7.593   -2.930  1.00 51.65 ? 120 LEU A CD2 1 
ATOM   607 N N   . ASP A 1 92 ? 0.329   9.444   -6.013  1.00 49.42 ? 121 ASP A N   1 
ATOM   608 C CA  . ASP A 1 92 ? -0.618  10.434  -5.559  1.00 47.44 ? 121 ASP A CA  1 
ATOM   609 C C   . ASP A 1 92 ? -1.582  9.811   -4.620  1.00 43.50 ? 121 ASP A C   1 
ATOM   610 O O   . ASP A 1 92 ? -2.772  9.707   -4.885  1.00 42.28 ? 121 ASP A O   1 
ATOM   611 C CB  . ASP A 1 92 ? -1.321  11.023  -6.745  1.00 52.28 ? 121 ASP A CB  1 
ATOM   612 C CG  . ASP A 1 92 ? -0.363  11.743  -7.624  1.00 56.97 ? 121 ASP A CG  1 
ATOM   613 O OD1 . ASP A 1 92 ? -0.087  12.937  -7.336  1.00 59.73 ? 121 ASP A OD1 1 
ATOM   614 O OD2 . ASP A 1 92 ? 0.154   11.101  -8.568  1.00 59.28 ? 121 ASP A OD2 1 
ATOM   615 N N   . ILE A 1 93 ? -1.025  9.408   -3.495  1.00 40.52 ? 122 ILE A N   1 
ATOM   616 C CA  . ILE A 1 93 ? -1.767  8.757   -2.460  1.00 37.44 ? 122 ILE A CA  1 
ATOM   617 C C   . ILE A 1 93 ? -1.146  9.149   -1.161  1.00 36.63 ? 122 ILE A C   1 
ATOM   618 O O   . ILE A 1 93 ? 0.055   9.277   -1.053  1.00 36.18 ? 122 ILE A O   1 
ATOM   619 C CB  . ILE A 1 93 ? -1.677  7.228   -2.630  1.00 37.24 ? 122 ILE A CB  1 
ATOM   620 C CG1 . ILE A 1 93 ? -2.401  6.832   -3.920  1.00 36.66 ? 122 ILE A CG1 1 
ATOM   621 C CG2 . ILE A 1 93 ? -2.271  6.505   -1.410  1.00 34.80 ? 122 ILE A CG2 1 
ATOM   622 C CD1 . ILE A 1 93 ? -2.060  5.430   -4.395  1.00 38.80 ? 122 ILE A CD1 1 
ATOM   623 N N   . THR A 1 94 ? -1.990  9.369   -0.171  1.00 35.64 ? 123 THR A N   1 
ATOM   624 C CA  . THR A 1 94 ? -1.501  9.682   1.139   1.00 35.75 ? 123 THR A CA  1 
ATOM   625 C C   . THR A 1 94 ? -2.298  8.736   2.019   1.00 35.40 ? 123 THR A C   1 
ATOM   626 O O   . THR A 1 94 ? -3.490  8.507   1.796   1.00 34.10 ? 123 THR A O   1 
ATOM   627 C CB  . THR A 1 94 ? -1.772  11.146  1.544   1.00 37.22 ? 123 THR A CB  1 
ATOM   628 O OG1 . THR A 1 94 ? -3.188  11.358  1.696   1.00 39.23 ? 123 THR A OG1 1 
ATOM   629 C CG2 . THR A 1 94 ? -1.205  12.080  0.487   1.00 33.07 ? 123 THR A CG2 1 
ATOM   630 N N   . CYS A 1 95 ? -1.609  8.166   2.996   1.00 34.27 ? 124 CYS A N   1 
ATOM   631 C CA  . CYS A 1 95 ? -2.226  7.226   3.910   1.00 35.14 ? 124 CYS A CA  1 
ATOM   632 C C   . CYS A 1 95 ? -2.137  7.830   5.300   1.00 34.45 ? 124 CYS A C   1 
ATOM   633 O O   . CYS A 1 95 ? -1.110  8.389   5.660   1.00 34.63 ? 124 CYS A O   1 
ATOM   634 C CB  . CYS A 1 95 ? -1.461  5.904   3.900   1.00 31.83 ? 124 CYS A CB  1 
ATOM   635 S SG  . CYS A 1 95 ? -1.107  5.138   2.285   1.00 32.69 ? 124 CYS A SG  1 
ATOM   636 N N   . ASN A 1 96 ? -3.219  7.721   6.057   1.00 35.16 ? 125 ASN A N   1 
ATOM   637 C CA  . ASN A 1 96 ? -3.273  8.226   7.412   1.00 36.35 ? 125 ASN A CA  1 
ATOM   638 C C   . ASN A 1 96 ? -3.704  7.075   8.289   1.00 35.40 ? 125 ASN A C   1 
ATOM   639 O O   . ASN A 1 96 ? -4.628  6.369   7.937   1.00 34.41 ? 125 ASN A O   1 
ATOM   640 C CB  . ASN A 1 96 ? -4.285  9.366   7.506   1.00 38.94 ? 125 ASN A CB  1 
ATOM   641 C CG  . ASN A 1 96 ? -3.977  10.469  6.529   1.00 43.59 ? 125 ASN A CG  1 
ATOM   642 O OD1 . ASN A 1 96 ? -2.906  11.083  6.597   1.00 46.64 ? 125 ASN A OD1 1 
ATOM   643 N ND2 . ASN A 1 96 ? -4.888  10.715  5.593   1.00 44.00 ? 125 ASN A ND2 1 
ATOM   644 N N   . GLU A 1 97 ? -3.016  6.880   9.414   1.00 35.66 ? 126 GLU A N   1 
ATOM   645 C CA  . GLU A 1 97 ? -3.355  5.825   10.363  1.00 34.71 ? 126 GLU A CA  1 
ATOM   646 C C   . GLU A 1 97 ? -4.836  5.900   10.687  1.00 36.93 ? 126 GLU A C   1 
ATOM   647 O O   . GLU A 1 97 ? -5.393  6.985   10.790  1.00 37.61 ? 126 GLU A O   1 
ATOM   648 C CB  . GLU A 1 97 ? -2.533  5.988   11.659  1.00 31.26 ? 126 GLU A CB  1 
ATOM   649 C CG  . GLU A 1 97 ? -3.074  5.224   12.891  1.00 26.86 ? 126 GLU A CG  1 
ATOM   650 C CD  . GLU A 1 97 ? -2.142  5.353   14.129  1.00 28.26 ? 126 GLU A CD  1 
ATOM   651 O OE1 . GLU A 1 97 ? -1.155  6.127   14.084  1.00 25.79 ? 126 GLU A OE1 1 
ATOM   652 O OE2 . GLU A 1 97 ? -2.399  4.678   15.137  1.00 25.76 ? 126 GLU A OE2 1 
ATOM   653 N N   . VAL A 1 98 ? -5.474  4.747   10.851  1.00 39.89 ? 127 VAL A N   1 
ATOM   654 C CA  . VAL A 1 98 ? -6.890  4.718   11.168  1.00 43.78 ? 127 VAL A CA  1 
ATOM   655 C C   . VAL A 1 98 ? -7.122  5.074   12.630  1.00 46.67 ? 127 VAL A C   1 
ATOM   656 O O   . VAL A 1 98 ? -6.659  4.361   13.525  1.00 47.00 ? 127 VAL A O   1 
ATOM   657 C CB  . VAL A 1 98 ? -7.506  3.316   10.926  1.00 44.31 ? 127 VAL A CB  1 
ATOM   658 C CG1 . VAL A 1 98 ? -8.969  3.327   11.330  1.00 42.78 ? 127 VAL A CG1 1 
ATOM   659 C CG2 . VAL A 1 98 ? -7.350  2.913   9.452   1.00 43.43 ? 127 VAL A CG2 1 
ATOM   660 N N   . GLN A 1 99 ? -7.871  6.158   12.843  1.00 48.75 ? 128 GLN A N   1 
ATOM   661 C CA  . GLN A 1 99 ? -8.224  6.683   14.175  1.00 50.37 ? 128 GLN A CA  1 
ATOM   662 C C   . GLN A 1 99 ? -9.656  6.283   14.616  1.00 52.36 ? 128 GLN A C   1 
ATOM   663 O O   . GLN A 1 99 ? -10.584 6.360   13.763  1.00 52.61 ? 128 GLN A O   1 
ATOM   664 C CB  . GLN A 1 99 ? -8.132  8.214   14.142  1.00 49.49 ? 128 GLN A CB  1 
ATOM   665 C CG  . GLN A 1 99 ? -6.758  8.767   13.839  1.00 49.59 ? 128 GLN A CG  1 
ATOM   666 C CD  . GLN A 1 99 ? -5.925  8.877   15.083  1.00 51.10 ? 128 GLN A CD  1 
ATOM   667 O OE1 . GLN A 1 99 ? -5.672  7.874   15.766  1.00 51.17 ? 128 GLN A OE1 1 
ATOM   668 N NE2 . GLN A 1 99 ? -5.503  10.108  15.410  1.00 50.90 ? 128 GLN A NE2 1 
HETATM 669 O O   . HOH B 2 .  ? 6.669   -0.008  10.600  1.00 29.17 ? 300 HOH A O   1 
HETATM 670 O O   . HOH B 2 .  ? 0.995   -13.940 -2.158  1.00 26.34 ? 301 HOH A O   1 
HETATM 671 O O   . HOH B 2 .  ? -0.337  -13.368 -6.035  1.00 29.50 ? 302 HOH A O   1 
HETATM 672 O O   . HOH B 2 .  ? 6.834   1.094   5.052   1.00 37.31 ? 303 HOH A O   1 
HETATM 673 O O   . HOH B 2 .  ? 2.254   -4.599  -3.099  1.00 27.78 ? 304 HOH A O   1 
HETATM 674 O O   . HOH B 2 .  ? 2.145   -12.783 12.956  1.00 36.36 ? 305 HOH A O   1 
HETATM 675 O O   . HOH B 2 .  ? 5.438   -13.667 6.187   1.00 38.02 ? 306 HOH A O   1 
HETATM 676 O O   . HOH B 2 .  ? 2.534   -7.961  -2.931  1.00 37.26 ? 307 HOH A O   1 
HETATM 677 O O   . HOH B 2 .  ? 6.923   -3.239  -1.128  1.00 24.61 ? 308 HOH A O   1 
HETATM 678 O O   . HOH B 2 .  ? 0.523   2.777   -9.213  1.00 37.32 ? 309 HOH A O   1 
HETATM 679 O O   . HOH B 2 .  ? -11.046 10.028  -19.723 1.00 40.54 ? 310 HOH A O   1 
HETATM 680 O O   . HOH B 2 .  ? -10.728 1.776   -4.704  1.00 29.83 ? 311 HOH A O   1 
HETATM 681 O O   . HOH B 2 .  ? -4.031  -9.385  10.818  1.00 32.31 ? 312 HOH A O   1 
HETATM 682 O O   . HOH B 2 .  ? -8.108  -4.482  -17.253 1.00 38.00 ? 313 HOH A O   1 
HETATM 683 O O   . HOH B 2 .  ? 1.698   4.692   -8.140  1.00 49.37 ? 314 HOH A O   1 
HETATM 684 O O   . HOH B 2 .  ? -2.471  9.223   -10.461 1.00 43.16 ? 315 HOH A O   1 
HETATM 685 O O   . HOH B 2 .  ? 0.236   7.900   12.539  1.00 32.70 ? 316 HOH A O   1 
HETATM 686 O O   . HOH B 2 .  ? -3.933  0.968   13.731  1.00 51.33 ? 318 HOH A O   1 
HETATM 687 O O   . HOH B 2 .  ? -1.150  -12.469 8.060   1.00 34.29 ? 319 HOH A O   1 
HETATM 688 O O   . HOH B 2 .  ? -0.023  7.110   -7.567  1.00 49.06 ? 320 HOH A O   1 
HETATM 689 O O   . HOH B 2 .  ? 1.111   8.693   2.677   1.00 33.10 ? 321 HOH A O   1 
HETATM 690 O O   . HOH B 2 .  ? 2.514   3.415   3.978   1.00 48.61 ? 322 HOH A O   1 
HETATM 691 O O   . HOH B 2 .  ? 3.951   5.142   -16.173 1.00 38.60 ? 323 HOH A O   1 
HETATM 692 O O   . HOH B 2 .  ? -14.882 5.141   -4.538  1.00 34.42 ? 324 HOH A O   1 
HETATM 693 O O   . HOH B 2 .  ? 9.349   -5.129  -1.058  1.00 44.94 ? 325 HOH A O   1 
HETATM 694 O O   . HOH B 2 .  ? -10.051 -7.544  3.290   1.00 40.60 ? 326 HOH A O   1 
HETATM 695 O O   . HOH B 2 .  ? -4.792  9.963   11.090  1.00 51.24 ? 327 HOH A O   1 
HETATM 696 O O   . HOH B 2 .  ? 9.047   -1.555  -1.537  1.00 48.80 ? 328 HOH A O   1 
HETATM 697 O O   . HOH B 2 .  ? -2.720  -13.561 5.405   1.00 48.86 ? 329 HOH A O   1 
HETATM 698 O O   . HOH B 2 .  ? 3.985   -5.768  -4.534  1.00 42.46 ? 330 HOH A O   1 
HETATM 699 O O   . HOH B 2 .  ? -10.882 -5.512  6.427   1.00 47.57 ? 331 HOH A O   1 
HETATM 700 O O   . HOH B 2 .  ? 12.977  2.824   10.604  1.00 38.82 ? 332 HOH A O   1 
HETATM 701 O O   . HOH B 2 .  ? 8.338   5.347   -6.744  1.00 48.55 ? 333 HOH A O   1 
HETATM 702 O O   . HOH B 2 .  ? 2.400   6.110   -12.400 1.00 35.91 ? 334 HOH A O   1 
HETATM 703 O O   . HOH B 2 .  ? -9.818  -6.249  -16.758 1.00 56.36 ? 335 HOH A O   1 
HETATM 704 O O   . HOH B 2 .  ? 5.592   6.464   -14.509 1.00 48.77 ? 336 HOH A O   1 
HETATM 705 O O   . HOH B 2 .  ? -0.378  8.584   9.900   1.00 42.20 ? 337 HOH A O   1 
HETATM 706 O O   . HOH B 2 .  ? -7.146  7.181   17.612  1.00 52.23 ? 338 HOH A O   1 
HETATM 707 O O   . HOH B 2 .  ? -11.832 -1.212  4.219   1.00 42.79 ? 339 HOH A O   1 
HETATM 708 O O   . HOH B 2 .  ? 12.177  2.280   13.330  1.00 37.97 ? 340 HOH A O   1 
HETATM 709 O O   . HOH B 2 .  ? -10.053 -2.569  5.751   1.00 55.60 ? 341 HOH A O   1 
HETATM 710 O O   . HOH B 2 .  ? -1.691  -0.752  -13.986 1.00 50.27 ? 342 HOH A O   1 
HETATM 711 O O   . HOH B 2 .  ? -9.453  8.178   -19.771 1.00 55.98 ? 344 HOH A O   1 
HETATM 712 O O   . HOH B 2 .  ? -5.666  5.917   -15.800 1.00 41.37 ? 345 HOH A O   1 
HETATM 713 O O   . HOH B 2 .  ? 3.390   8.518   -13.711 1.00 56.07 ? 347 HOH A O   1 
HETATM 714 O O   . HOH B 2 .  ? 6.398   3.989   -16.429 1.00 51.44 ? 348 HOH A O   1 
HETATM 715 O O   . HOH B 2 .  ? -14.919 -4.008  4.840   1.00 56.92 ? 349 HOH A O   1 
HETATM 716 O O   . HOH B 2 .  ? -0.911  -18.084 5.487   1.00 48.08 ? 350 HOH A O   1 
HETATM 717 O O   . HOH B 2 .  ? 0.873   7.929   8.078   1.00 51.30 ? 351 HOH A O   1 
HETATM 718 O O   . HOH B 2 .  ? 1.487   -10.690 14.730  1.00 54.88 ? 352 HOH A O   1 
HETATM 719 O O   . HOH B 2 .  ? -2.121  -12.192 11.656  1.00 56.27 ? 353 HOH A O   1 
HETATM 720 O O   . HOH B 2 .  ? -15.186 8.317   -5.122  1.00 49.87 ? 354 HOH A O   1 
HETATM 721 O O   . HOH B 2 .  ? -0.389  2.172   15.333  1.00 41.14 ? 355 HOH A O   1 
HETATM 722 O O   . HOH B 2 .  ? 0.238   -14.923 8.746   1.00 49.18 ? 356 HOH A O   1 
HETATM 723 O O   . HOH B 2 .  ? 12.350  7.216   11.215  1.00 48.27 ? 357 HOH A O   1 
HETATM 724 O O   . HOH B 2 .  ? 3.033   -5.062  -6.805  1.00 43.23 ? 358 HOH A O   1 
HETATM 725 O O   . HOH B 2 .  ? 11.893  -0.996  0.498   1.00 48.32 ? 359 HOH A O   1 
HETATM 726 O O   . HOH B 2 .  ? -10.521 8.791   -13.818 1.00 44.92 ? 360 HOH A O   1 
HETATM 727 O O   . HOH B 2 .  ? -14.356 3.296   -2.800  1.00 42.99 ? 361 HOH A O   1 
HETATM 728 O O   . HOH B 2 .  ? -15.434 -0.190  2.188   1.00 52.33 ? 362 HOH A O   1 
HETATM 729 O O   . HOH B 2 .  ? -13.480 6.814   -3.838  1.00 52.27 ? 363 HOH A O   1 
HETATM 730 O O   . HOH B 2 .  ? -6.584  8.499   4.955   1.00 51.77 ? 364 HOH A O   1 
HETATM 731 O O   . HOH B 2 .  ? 2.091   8.389   10.749  1.00 57.02 ? 365 HOH A O   1 
HETATM 732 O O   . HOH B 2 .  ? 0.771   -14.273 4.464   1.00 57.33 ? 366 HOH A O   1 
HETATM 733 O O   . HOH B 2 .  ? -7.198  7.494   8.612   1.00 43.71 ? 367 HOH A O   1 
HETATM 734 O O   . HOH B 2 .  ? -10.507 6.017   -19.325 1.00 49.20 ? 368 HOH A O   1 
HETATM 735 O O   . HOH B 2 .  ? -4.834  5.034   -19.276 1.00 58.66 ? 369 HOH A O   1 
HETATM 736 O O   . HOH B 2 .  ? 0.370   -17.224 7.625   1.00 64.42 ? 370 HOH A O   1 
HETATM 737 O O   . HOH B 2 .  ? 4.743   7.107   -12.066 1.00 63.85 ? 371 HOH A O   1 
HETATM 738 O O   . HOH B 2 .  ? 2.473   9.607   0.224   1.00 58.56 ? 372 HOH A O   1 
HETATM 739 O O   . HOH B 2 .  ? -17.012 1.088   -3.483  1.00 60.64 ? 375 HOH A O   1 
HETATM 740 O O   . HOH B 2 .  ? -2.457  -0.642  15.509  1.00 62.20 ? 376 HOH A O   1 
HETATM 741 O O   . HOH B 2 .  ? 11.640  -8.943  5.802   1.00 69.65 ? 377 HOH A O   1 
# 
